data_9H99
#
_entry.id   9H99
#
_cell.length_a   88.160
_cell.length_b   88.160
_cell.length_c   266.430
_cell.angle_alpha   90.00
_cell.angle_beta   90.00
_cell.angle_gamma   90.00
#
_symmetry.space_group_name_H-M   'P 41 21 2'
#
loop_
_entity.id
_entity.type
_entity.pdbx_description
1 polymer 'Crystaline entomocidal protoxin'
2 non-polymer 'ZINC ION'
3 non-polymer 'CALCIUM ION'
4 water water
#
_entity_poly.entity_id   1
_entity_poly.type   'polypeptide(L)'
_entity_poly.pdbx_seq_one_letter_code
;MEENNQNQCIPYNCLSNPEEVLLDGERISTGNSSIDISLSLVQFLVSNFVPGGGFLVGLIDFVWGIVGPSQWDAFLVQIE
QLINERIAEFARNAAIANLEGLGNNFNIYVEAFKEWEEDPNNPATRTRVIDRFRILDGLLERDIPSFRISGFEVPLLSVY
AQAANLHLAILRDSVIFGERWGLTTINVNENYNRLIRHIDEYADHCANTYNRGLNNLPKSTYQDWITYNRLRRDLTLTVL
DIAAFFPNYDNRRYPIQPVGQLTREVYTDPLINFNPQLQSVAQLPTFNVMESSAIRNPHLFDILNNLTIFTDWFSVGRNF
YWGGHRVISSLIGGGNITSPIYGREANQEPPRSFTFNGPVFRTLSNPTLRLLQQPWPAPPFNLRGVEGVEFSTPTNSFTY
RGRGTVDSLTELPPEDNSVPPREGYSHRLCHATFVQRSGTPFLTTGVVFSWTHRSATLTNTIDPERINQIPLVKGFRVWG
GTSVITGPGFTGGDILRRNTFGDFVSLQVNINSPITQRYRLRFRYASSRDARVIVLTGAASTGVGGQVSVNMPLQKTMEI
GENLTSRTFRYTDFSNPFSFRANPDIIGISEQPLFGAGSISSGELYIDKIEIILADATFEAESDLERAQKAVNALFTSSN
QIGLKTDVTDYHIDQVSNLVDCLSDEFCLDEKRELSEKVKHAKRLSDERNLLQDPNFRGINRQPDRGWRGSTDITIQGGD
DVFKENYVTLPGTVDECYPTYLYQKIDESKLKAYTRYELRGYIEDSQDLEIYLIRYNAKHEIVNVPGTGSLWPLSAQSPI
GKCGEPNRCAPHLEWNPDLDCSCRDGEKCAHHSHHFTLDIDVGCTDLNEDLGVWVIFKIKTQDGHARLGNLEFLEEKPLL
GEALARVKRAEKKWRDKREKLQLETNIVYKEAKESVDALFVNSQYDRLQVDTNIAMIHAADKRVHRIREAYLPELSVIPG
VNAAIFEELEGRIFTAYSLYDARNVIKNGDFNNGLLCWNVKGHVDVEEQNNHRSVLVIPEWEAEVSQEVRVCPGRGYILR
VTAYKEGYGEGCVTIHEIEDNTDELKFSNCVEEEVYPNNTVTCNNYTGTQEEYEGTYTSRNQGYDEAYGNNPSVPADYAS
VYEEKSYTDGRRENPCESNRGYGDYTPLPAGYVTKDLEYFPETDKVWIEIGETEGTFIVDSVELLLMEE
;
_entity_poly.pdbx_strand_id   A
#
# COMPACT_ATOMS: atom_id res chain seq x y z
N GLY A 31 51.86 11.67 -6.21
CA GLY A 31 51.47 12.88 -6.98
C GLY A 31 50.26 13.56 -6.35
N ASN A 32 50.55 14.45 -5.38
CA ASN A 32 49.55 15.28 -4.68
C ASN A 32 48.90 16.32 -5.60
N SER A 33 49.44 16.56 -6.81
CA SER A 33 48.69 17.34 -7.79
C SER A 33 47.35 16.66 -8.14
N SER A 34 47.21 15.33 -7.92
CA SER A 34 45.95 14.69 -8.22
C SER A 34 44.84 15.18 -7.28
N ILE A 35 45.20 15.49 -6.03
CA ILE A 35 44.27 16.11 -5.07
C ILE A 35 43.81 17.47 -5.57
N ASP A 36 44.78 18.34 -5.91
CA ASP A 36 44.48 19.68 -6.41
C ASP A 36 43.57 19.63 -7.63
N ILE A 37 43.83 18.70 -8.55
CA ILE A 37 43.00 18.58 -9.74
C ILE A 37 41.59 18.11 -9.37
N SER A 38 41.52 17.08 -8.52
CA SER A 38 40.24 16.52 -8.12
C SER A 38 39.37 17.56 -7.45
N LEU A 39 39.94 18.30 -6.48
CA LEU A 39 39.14 19.28 -5.75
C LEU A 39 38.64 20.40 -6.65
N SER A 40 39.46 20.77 -7.66
CA SER A 40 39.07 21.83 -8.59
C SER A 40 37.92 21.36 -9.46
N LEU A 41 37.96 20.09 -9.87
CA LEU A 41 36.91 19.50 -10.70
C LEU A 41 35.58 19.41 -9.91
N VAL A 42 35.66 18.96 -8.66
CA VAL A 42 34.49 18.80 -7.79
C VAL A 42 33.80 20.15 -7.61
N GLN A 43 34.54 21.23 -7.40
CA GLN A 43 33.88 22.52 -7.24
C GLN A 43 33.15 22.92 -8.52
N PHE A 44 33.71 22.56 -9.69
CA PHE A 44 33.05 22.78 -10.98
C PHE A 44 31.75 21.96 -11.06
N LEU A 45 31.77 20.69 -10.64
CA LEU A 45 30.58 19.84 -10.73
C LEU A 45 29.50 20.33 -9.75
N VAL A 46 29.90 20.86 -8.59
CA VAL A 46 28.91 21.42 -7.66
C VAL A 46 28.13 22.57 -8.29
N SER A 47 28.86 23.55 -8.87
CA SER A 47 28.29 24.84 -9.17
C SER A 47 27.85 24.97 -10.63
N ASN A 48 28.28 24.05 -11.53
CA ASN A 48 28.12 24.23 -12.99
C ASN A 48 27.71 22.96 -13.72
N PHE A 49 26.82 22.16 -13.10
CA PHE A 49 26.37 20.91 -13.69
C PHE A 49 25.21 21.19 -14.67
N VAL A 50 25.60 21.59 -15.88
CA VAL A 50 24.69 22.07 -16.91
C VAL A 50 25.15 21.44 -18.21
N PRO A 51 24.28 21.01 -19.14
CA PRO A 51 24.75 20.52 -20.43
C PRO A 51 25.27 21.66 -21.31
N GLY A 52 26.00 21.30 -22.35
CA GLY A 52 26.38 22.27 -23.38
C GLY A 52 27.88 22.47 -23.41
N GLY A 53 28.31 23.40 -24.28
CA GLY A 53 29.73 23.62 -24.55
C GLY A 53 30.51 24.03 -23.31
N GLY A 54 29.88 24.83 -22.45
CA GLY A 54 30.45 25.36 -21.21
C GLY A 54 30.96 24.25 -20.30
N PHE A 55 30.17 23.18 -20.17
CA PHE A 55 30.52 22.03 -19.36
C PHE A 55 31.74 21.31 -19.94
N LEU A 56 31.75 21.07 -21.25
CA LEU A 56 32.87 20.38 -21.91
C LEU A 56 34.16 21.18 -21.82
N VAL A 57 34.09 22.50 -22.09
CA VAL A 57 35.25 23.38 -21.98
C VAL A 57 35.78 23.33 -20.56
N GLY A 58 34.89 23.28 -19.56
CA GLY A 58 35.29 23.12 -18.18
C GLY A 58 36.08 21.85 -17.95
N LEU A 59 35.61 20.71 -18.51
CA LEU A 59 36.32 19.43 -18.35
C LEU A 59 37.72 19.54 -18.94
N ILE A 60 37.83 20.25 -20.08
CA ILE A 60 39.14 20.52 -20.68
C ILE A 60 40.00 21.40 -19.75
N ASP A 61 39.44 22.52 -19.29
CA ASP A 61 40.23 23.56 -18.64
C ASP A 61 40.69 23.15 -17.25
N PHE A 62 39.90 22.27 -16.60
CA PHE A 62 40.21 21.78 -15.26
C PHE A 62 41.03 20.48 -15.26
N VAL A 63 40.87 19.61 -16.28
CA VAL A 63 41.52 18.29 -16.29
C VAL A 63 42.18 17.97 -17.64
N TRP A 64 41.35 17.70 -18.67
CA TRP A 64 41.83 16.98 -19.84
C TRP A 64 42.79 17.76 -20.73
N GLY A 65 42.74 19.11 -20.70
CA GLY A 65 43.63 19.89 -21.55
C GLY A 65 44.97 20.21 -20.90
N ILE A 66 45.15 19.85 -19.63
CA ILE A 66 46.31 20.30 -18.88
C ILE A 66 47.03 19.18 -18.15
N VAL A 67 46.50 17.94 -18.23
CA VAL A 67 47.18 16.77 -17.72
C VAL A 67 47.88 16.05 -18.89
N GLY A 68 49.20 15.85 -18.75
CA GLY A 68 49.99 15.07 -19.69
C GLY A 68 50.53 13.79 -19.04
N PRO A 69 51.36 13.01 -19.77
CA PRO A 69 51.87 11.75 -19.22
C PRO A 69 52.51 11.79 -17.84
N SER A 70 53.28 12.84 -17.50
CA SER A 70 53.96 12.84 -16.21
C SER A 70 52.96 13.12 -15.09
N GLN A 71 51.83 13.80 -15.37
CA GLN A 71 50.81 14.03 -14.35
C GLN A 71 49.92 12.79 -14.13
N TRP A 72 49.65 12.03 -15.19
CA TRP A 72 49.00 10.74 -15.06
C TRP A 72 49.83 9.75 -14.24
N ASP A 73 51.16 9.73 -14.49
CA ASP A 73 52.08 8.97 -13.68
C ASP A 73 51.90 9.31 -12.21
N ALA A 74 51.76 10.59 -11.89
CA ALA A 74 51.61 11.03 -10.50
C ALA A 74 50.31 10.55 -9.86
N PHE A 75 49.24 10.44 -10.65
CA PHE A 75 48.00 9.86 -10.16
C PHE A 75 48.26 8.46 -9.62
N LEU A 76 49.04 7.66 -10.35
CA LEU A 76 49.32 6.27 -9.98
C LEU A 76 50.28 6.22 -8.80
N VAL A 77 51.37 7.03 -8.83
CA VAL A 77 52.38 6.99 -7.79
C VAL A 77 51.75 7.25 -6.43
N GLN A 78 50.77 8.16 -6.36
CA GLN A 78 50.21 8.54 -5.07
C GLN A 78 49.66 7.31 -4.36
N ILE A 79 48.99 6.43 -5.11
CA ILE A 79 48.39 5.25 -4.52
C ILE A 79 49.43 4.14 -4.39
N GLU A 80 50.24 3.92 -5.45
CA GLU A 80 51.29 2.90 -5.39
C GLU A 80 52.12 3.06 -4.12
N GLN A 81 52.48 4.29 -3.76
CA GLN A 81 53.35 4.54 -2.62
C GLN A 81 52.67 4.10 -1.33
N LEU A 82 51.35 4.28 -1.23
CA LEU A 82 50.61 3.92 -0.02
C LEU A 82 50.44 2.42 0.16
N ILE A 83 50.10 1.70 -0.92
CA ILE A 83 49.89 0.25 -0.83
C ILE A 83 51.20 -0.49 -1.02
N ASN A 84 52.26 0.24 -1.35
CA ASN A 84 53.59 -0.31 -1.39
C ASN A 84 53.67 -1.36 -2.51
N GLU A 85 53.03 -1.05 -3.65
CA GLU A 85 53.08 -1.92 -4.81
C GLU A 85 52.97 -1.09 -6.09
N ARG A 86 53.92 -1.26 -7.01
CA ARG A 86 53.89 -0.60 -8.31
C ARG A 86 53.07 -1.45 -9.25
N ILE A 87 52.26 -0.81 -10.11
CA ILE A 87 51.56 -1.53 -11.16
C ILE A 87 52.58 -2.19 -12.08
N ALA A 88 52.34 -3.45 -12.44
CA ALA A 88 53.21 -4.15 -13.37
C ALA A 88 53.36 -3.34 -14.65
N GLU A 89 54.58 -3.34 -15.21
CA GLU A 89 54.96 -2.38 -16.24
C GLU A 89 54.07 -2.44 -17.48
N PHE A 90 53.73 -3.65 -17.96
CA PHE A 90 52.95 -3.78 -19.20
C PHE A 90 51.65 -3.00 -19.02
N ALA A 91 50.97 -3.22 -17.88
CA ALA A 91 49.67 -2.63 -17.62
C ALA A 91 49.80 -1.13 -17.35
N ARG A 92 50.90 -0.73 -16.68
CA ARG A 92 51.11 0.65 -16.28
C ARG A 92 51.33 1.52 -17.53
N ASN A 93 52.26 1.11 -18.40
CA ASN A 93 52.55 1.87 -19.60
C ASN A 93 51.31 1.97 -20.50
N ALA A 94 50.56 0.85 -20.62
CA ALA A 94 49.33 0.80 -21.40
C ALA A 94 48.28 1.77 -20.85
N ALA A 95 48.12 1.84 -19.51
CA ALA A 95 47.14 2.75 -18.93
C ALA A 95 47.43 4.21 -19.32
N ILE A 96 48.70 4.61 -19.16
CA ILE A 96 49.14 5.96 -19.46
C ILE A 96 48.98 6.26 -20.95
N ALA A 97 49.39 5.36 -21.84
CA ALA A 97 49.21 5.58 -23.27
C ALA A 97 47.73 5.73 -23.64
N ASN A 98 46.87 4.96 -22.97
CA ASN A 98 45.45 5.04 -23.22
C ASN A 98 44.88 6.38 -22.77
N LEU A 99 45.32 6.88 -21.60
CA LEU A 99 44.87 8.16 -21.09
C LEU A 99 45.26 9.31 -22.00
N GLU A 100 46.48 9.26 -22.55
CA GLU A 100 46.89 10.20 -23.61
C GLU A 100 45.96 10.14 -24.83
N GLY A 101 45.64 8.92 -25.29
CA GLY A 101 44.69 8.76 -26.39
C GLY A 101 43.32 9.37 -26.08
N LEU A 102 42.81 9.14 -24.86
CA LEU A 102 41.52 9.71 -24.48
C LEU A 102 41.58 11.23 -24.46
N GLY A 103 42.67 11.79 -23.93
CA GLY A 103 42.82 13.22 -23.92
C GLY A 103 42.81 13.82 -25.33
N ASN A 104 43.57 13.20 -26.24
CA ASN A 104 43.70 13.71 -27.60
C ASN A 104 42.31 13.71 -28.23
N ASN A 105 41.61 12.59 -28.07
CA ASN A 105 40.35 12.37 -28.78
C ASN A 105 39.25 13.19 -28.13
N PHE A 106 39.34 13.44 -26.82
CA PHE A 106 38.33 14.30 -26.22
C PHE A 106 38.53 15.75 -26.64
N ASN A 107 39.79 16.20 -26.77
CA ASN A 107 40.06 17.56 -27.20
C ASN A 107 39.47 17.81 -28.61
N ILE A 108 39.58 16.80 -29.47
CA ILE A 108 39.04 16.91 -30.82
C ILE A 108 37.50 16.94 -30.78
N TYR A 109 36.91 16.10 -29.91
CA TYR A 109 35.48 16.09 -29.77
C TYR A 109 34.96 17.47 -29.31
N VAL A 110 35.67 18.10 -28.35
CA VAL A 110 35.24 19.39 -27.83
C VAL A 110 35.34 20.45 -28.92
N GLU A 111 36.39 20.41 -29.75
CA GLU A 111 36.50 21.31 -30.90
C GLU A 111 35.30 21.13 -31.85
N ALA A 112 34.96 19.88 -32.16
CA ALA A 112 33.84 19.62 -33.05
C ALA A 112 32.50 20.05 -32.41
N PHE A 113 32.36 19.85 -31.11
CA PHE A 113 31.10 20.19 -30.43
C PHE A 113 30.91 21.71 -30.46
N LYS A 114 32.00 22.45 -30.20
CA LYS A 114 31.95 23.91 -30.17
C LYS A 114 31.61 24.44 -31.55
N GLU A 115 32.24 23.88 -32.60
CA GLU A 115 31.95 24.28 -33.97
C GLU A 115 30.47 24.02 -34.28
N TRP A 116 29.92 22.92 -33.75
CA TRP A 116 28.54 22.58 -34.01
C TRP A 116 27.61 23.54 -33.26
N GLU A 117 27.89 23.77 -31.97
CA GLU A 117 27.10 24.66 -31.13
C GLU A 117 26.95 26.06 -31.73
N GLU A 118 28.02 26.57 -32.33
CA GLU A 118 28.00 27.92 -32.88
C GLU A 118 27.31 27.94 -34.25
N ASP A 119 27.16 26.78 -34.90
CA ASP A 119 26.59 26.71 -36.23
C ASP A 119 25.83 25.39 -36.39
N PRO A 120 24.73 25.20 -35.64
CA PRO A 120 24.14 23.86 -35.50
C PRO A 120 23.38 23.24 -36.67
N ASN A 121 23.00 24.09 -37.66
CA ASN A 121 22.26 23.63 -38.84
C ASN A 121 23.19 23.35 -40.01
N ASN A 122 24.48 23.60 -39.82
CA ASN A 122 25.50 23.26 -40.82
C ASN A 122 25.67 21.75 -40.91
N PRO A 123 25.39 21.14 -42.08
CA PRO A 123 25.41 19.69 -42.21
C PRO A 123 26.78 19.11 -41.91
N ALA A 124 27.86 19.89 -42.15
CA ALA A 124 29.22 19.38 -41.91
C ALA A 124 29.59 19.39 -40.43
N THR A 125 29.13 20.39 -39.66
CA THR A 125 29.41 20.41 -38.23
C THR A 125 28.64 19.27 -37.53
N ARG A 126 27.42 18.99 -38.02
CA ARG A 126 26.62 17.89 -37.48
C ARG A 126 27.31 16.55 -37.71
N THR A 127 27.78 16.30 -38.96
CA THR A 127 28.46 15.07 -39.32
C THR A 127 29.72 14.89 -38.47
N ARG A 128 30.50 15.97 -38.29
CA ARG A 128 31.79 15.91 -37.59
C ARG A 128 31.62 15.60 -36.10
N VAL A 129 30.58 16.16 -35.46
CA VAL A 129 30.42 15.97 -34.03
C VAL A 129 29.95 14.53 -33.78
N ILE A 130 29.10 14.00 -34.67
CA ILE A 130 28.72 12.58 -34.58
C ILE A 130 29.96 11.67 -34.71
N ASP A 131 30.80 11.96 -35.70
CA ASP A 131 31.96 11.13 -35.94
C ASP A 131 32.89 11.14 -34.73
N ARG A 132 33.13 12.34 -34.17
CA ARG A 132 34.07 12.45 -33.06
C ARG A 132 33.51 11.81 -31.78
N PHE A 133 32.18 11.91 -31.61
CA PHE A 133 31.50 11.28 -30.50
C PHE A 133 31.68 9.78 -30.59
N ARG A 134 31.43 9.21 -31.77
CA ARG A 134 31.50 7.76 -31.95
C ARG A 134 32.90 7.23 -31.66
N ILE A 135 33.93 7.92 -32.13
CA ILE A 135 35.30 7.49 -31.92
C ILE A 135 35.61 7.44 -30.43
N LEU A 136 35.25 8.52 -29.73
CA LEU A 136 35.57 8.64 -28.31
C LEU A 136 34.76 7.66 -27.46
N ASP A 137 33.45 7.52 -27.74
CA ASP A 137 32.61 6.53 -27.06
C ASP A 137 33.20 5.12 -27.20
N GLY A 138 33.57 4.74 -28.44
CA GLY A 138 34.24 3.49 -28.73
C GLY A 138 35.54 3.28 -27.95
N LEU A 139 36.37 4.35 -27.86
CA LEU A 139 37.64 4.27 -27.14
C LEU A 139 37.38 4.04 -25.65
N LEU A 140 36.35 4.71 -25.07
CA LEU A 140 36.09 4.59 -23.65
C LEU A 140 35.62 3.18 -23.30
N GLU A 141 34.76 2.62 -24.17
CA GLU A 141 34.26 1.27 -24.00
C GLU A 141 35.43 0.28 -24.04
N ARG A 142 36.38 0.53 -24.94
CA ARG A 142 37.53 -0.35 -25.08
C ARG A 142 38.51 -0.14 -23.92
N ASP A 143 38.69 1.10 -23.46
CA ASP A 143 39.81 1.41 -22.56
C ASP A 143 39.45 1.35 -21.08
N ILE A 144 38.17 1.52 -20.71
CA ILE A 144 37.84 1.50 -19.30
C ILE A 144 38.30 0.19 -18.63
N PRO A 145 38.18 -0.99 -19.26
CA PRO A 145 38.75 -2.22 -18.69
C PRO A 145 40.25 -2.20 -18.36
N SER A 146 41.01 -1.40 -19.14
CA SER A 146 42.44 -1.23 -18.88
C SER A 146 42.71 -0.43 -17.60
N PHE A 147 41.71 0.28 -17.05
CA PHE A 147 41.84 1.00 -15.78
C PHE A 147 41.30 0.19 -14.59
N ARG A 148 41.05 -1.10 -14.81
CA ARG A 148 40.67 -2.01 -13.74
C ARG A 148 41.18 -3.43 -13.97
N ILE A 149 42.47 -3.50 -14.39
CA ILE A 149 43.23 -4.73 -14.50
C ILE A 149 43.17 -5.51 -13.19
N SER A 150 42.88 -6.80 -13.29
CA SER A 150 42.82 -7.67 -12.13
C SER A 150 44.13 -7.62 -11.35
N GLY A 151 44.04 -7.38 -10.04
CA GLY A 151 45.20 -7.30 -9.18
C GLY A 151 45.74 -5.89 -8.99
N PHE A 152 45.32 -4.94 -9.85
CA PHE A 152 45.77 -3.55 -9.74
C PHE A 152 44.60 -2.57 -9.79
N GLU A 153 43.42 -3.01 -9.34
CA GLU A 153 42.26 -2.14 -9.37
C GLU A 153 42.45 -0.90 -8.49
N VAL A 154 43.08 -1.10 -7.34
CA VAL A 154 43.20 -0.03 -6.35
C VAL A 154 44.14 1.06 -6.88
N PRO A 155 45.39 0.77 -7.30
CA PRO A 155 46.25 1.84 -7.79
C PRO A 155 45.81 2.51 -9.09
N LEU A 156 44.90 1.88 -9.85
CA LEU A 156 44.32 2.46 -11.06
C LEU A 156 43.03 3.25 -10.79
N LEU A 157 42.58 3.30 -9.52
CA LEU A 157 41.23 3.76 -9.27
C LEU A 157 40.97 5.24 -9.54
N SER A 158 41.94 6.12 -9.25
CA SER A 158 41.73 7.55 -9.49
C SER A 158 41.74 7.88 -11.00
N VAL A 159 42.48 7.12 -11.83
CA VAL A 159 42.40 7.35 -13.28
C VAL A 159 41.11 6.70 -13.84
N TYR A 160 40.67 5.58 -13.22
CA TYR A 160 39.36 5.03 -13.60
C TYR A 160 38.24 6.06 -13.37
N ALA A 161 38.24 6.76 -12.22
CA ALA A 161 37.17 7.70 -11.93
C ALA A 161 37.16 8.87 -12.92
N GLN A 162 38.34 9.34 -13.33
CA GLN A 162 38.46 10.35 -14.36
C GLN A 162 37.84 9.88 -15.67
N ALA A 163 38.18 8.67 -16.10
CA ALA A 163 37.71 8.15 -17.37
C ALA A 163 36.21 7.88 -17.31
N ALA A 164 35.77 7.37 -16.16
CA ALA A 164 34.35 7.10 -15.96
C ALA A 164 33.53 8.38 -16.06
N ASN A 165 34.01 9.42 -15.39
CA ASN A 165 33.34 10.71 -15.38
C ASN A 165 33.21 11.24 -16.82
N LEU A 166 34.30 11.12 -17.59
CA LEU A 166 34.32 11.59 -18.97
C LEU A 166 33.30 10.83 -19.80
N HIS A 167 33.26 9.50 -19.61
CA HIS A 167 32.34 8.68 -20.39
C HIS A 167 30.89 9.07 -20.14
N LEU A 168 30.51 9.29 -18.87
CA LEU A 168 29.11 9.61 -18.60
C LEU A 168 28.77 10.97 -19.21
N ALA A 169 29.71 11.89 -19.15
CA ALA A 169 29.54 13.21 -19.74
C ALA A 169 29.24 13.13 -21.24
N ILE A 170 30.05 12.38 -22.00
CA ILE A 170 29.85 12.38 -23.44
C ILE A 170 28.60 11.57 -23.82
N LEU A 171 28.27 10.54 -23.04
CA LEU A 171 27.04 9.80 -23.31
C LEU A 171 25.83 10.70 -23.10
N ARG A 172 25.87 11.51 -22.01
CA ARG A 172 24.79 12.46 -21.75
C ARG A 172 24.60 13.39 -22.96
N ASP A 173 25.73 13.88 -23.52
CA ASP A 173 25.67 14.75 -24.69
C ASP A 173 24.86 14.08 -25.81
N SER A 174 25.13 12.80 -26.08
CA SER A 174 24.48 12.09 -27.17
C SER A 174 22.98 12.02 -26.92
N VAL A 175 22.58 11.89 -25.66
CA VAL A 175 21.15 11.77 -25.32
C VAL A 175 20.45 13.11 -25.54
N ILE A 176 21.04 14.19 -25.02
CA ILE A 176 20.41 15.49 -25.03
C ILE A 176 20.42 16.08 -26.43
N PHE A 177 21.57 15.97 -27.11
CA PHE A 177 21.79 16.68 -28.38
C PHE A 177 21.70 15.76 -29.60
N GLY A 178 21.54 14.44 -29.39
CA GLY A 178 21.78 13.49 -30.48
C GLY A 178 20.80 13.65 -31.64
N GLU A 179 19.55 13.91 -31.33
CA GLU A 179 18.54 14.13 -32.35
C GLU A 179 18.88 15.37 -33.19
N ARG A 180 19.33 16.44 -32.52
CA ARG A 180 19.73 17.66 -33.22
C ARG A 180 20.98 17.44 -34.07
N TRP A 181 21.90 16.57 -33.62
CA TRP A 181 23.08 16.22 -34.42
C TRP A 181 22.66 15.44 -35.66
N GLY A 182 21.69 14.55 -35.47
CA GLY A 182 21.16 13.72 -36.54
C GLY A 182 21.18 12.21 -36.25
N LEU A 183 21.43 11.81 -35.01
CA LEU A 183 21.23 10.43 -34.58
C LEU A 183 19.72 10.14 -34.59
N THR A 184 19.38 8.86 -34.77
CA THR A 184 18.00 8.39 -34.71
C THR A 184 17.51 8.36 -33.27
N THR A 185 16.18 8.34 -33.10
CA THR A 185 15.53 8.18 -31.80
C THR A 185 15.94 6.87 -31.15
N ILE A 186 16.01 5.81 -31.96
CA ILE A 186 16.42 4.50 -31.48
C ILE A 186 17.81 4.56 -30.84
N ASN A 187 18.78 5.12 -31.57
CA ASN A 187 20.17 5.27 -31.11
C ASN A 187 20.23 6.10 -29.81
N VAL A 188 19.48 7.20 -29.76
CA VAL A 188 19.45 8.05 -28.57
C VAL A 188 18.91 7.25 -27.37
N ASN A 189 17.79 6.51 -27.52
CA ASN A 189 17.22 5.76 -26.40
C ASN A 189 18.14 4.63 -25.94
N GLU A 190 18.81 3.97 -26.89
CA GLU A 190 19.79 2.94 -26.57
C GLU A 190 20.97 3.54 -25.80
N ASN A 191 21.43 4.73 -26.21
CA ASN A 191 22.52 5.38 -25.49
C ASN A 191 22.09 5.78 -24.08
N TYR A 192 20.82 6.17 -23.92
CA TYR A 192 20.29 6.48 -22.59
C TYR A 192 20.40 5.25 -21.68
N ASN A 193 19.93 4.11 -22.18
CA ASN A 193 19.96 2.86 -21.44
C ASN A 193 21.39 2.47 -21.04
N ARG A 194 22.32 2.71 -21.95
CA ARG A 194 23.73 2.45 -21.67
C ARG A 194 24.24 3.40 -20.59
N LEU A 195 23.87 4.67 -20.70
CA LEU A 195 24.27 5.68 -19.73
C LEU A 195 23.84 5.28 -18.32
N ILE A 196 22.54 4.96 -18.10
CA ILE A 196 22.07 4.66 -16.74
C ILE A 196 22.66 3.35 -16.24
N ARG A 197 22.98 2.40 -17.13
CA ARG A 197 23.62 1.17 -16.68
C ARG A 197 25.05 1.46 -16.19
N HIS A 198 25.75 2.30 -16.95
CA HIS A 198 27.10 2.72 -16.63
C HIS A 198 27.18 3.57 -15.37
N ILE A 199 26.16 4.41 -15.10
CA ILE A 199 26.15 5.14 -13.84
C ILE A 199 26.32 4.18 -12.66
N ASP A 200 25.51 3.11 -12.63
CA ASP A 200 25.53 2.13 -11.55
C ASP A 200 26.86 1.36 -11.55
N GLU A 201 27.28 0.91 -12.72
CA GLU A 201 28.49 0.12 -12.86
C GLU A 201 29.70 0.91 -12.35
N TYR A 202 29.83 2.16 -12.81
CA TYR A 202 30.98 2.97 -12.45
C TYR A 202 30.99 3.36 -10.97
N ALA A 203 29.80 3.68 -10.43
CA ALA A 203 29.67 4.02 -9.01
C ALA A 203 30.08 2.82 -8.15
N ASP A 204 29.55 1.63 -8.52
CA ASP A 204 29.80 0.40 -7.78
C ASP A 204 31.30 0.09 -7.80
N HIS A 205 31.92 0.20 -8.98
CA HIS A 205 33.33 -0.13 -9.03
C HIS A 205 34.13 0.77 -8.09
N CYS A 206 33.79 2.07 -8.08
CA CYS A 206 34.51 3.03 -7.24
C CYS A 206 34.37 2.67 -5.76
N ALA A 207 33.14 2.41 -5.31
CA ALA A 207 32.90 2.11 -3.90
C ALA A 207 33.49 0.76 -3.49
N ASN A 208 33.28 -0.26 -4.33
CA ASN A 208 33.76 -1.60 -4.01
C ASN A 208 35.28 -1.63 -3.92
N THR A 209 35.94 -0.94 -4.87
CA THR A 209 37.39 -0.99 -4.96
C THR A 209 37.98 -0.19 -3.79
N TYR A 210 37.30 0.90 -3.38
CA TYR A 210 37.66 1.64 -2.18
C TYR A 210 37.69 0.72 -0.96
N ASN A 211 36.63 -0.07 -0.81
CA ASN A 211 36.49 -0.94 0.35
C ASN A 211 37.53 -2.05 0.31
N ARG A 212 37.79 -2.60 -0.89
CA ARG A 212 38.80 -3.62 -1.09
C ARG A 212 40.20 -3.13 -0.68
N GLY A 213 40.56 -1.92 -1.11
CA GLY A 213 41.86 -1.37 -0.81
C GLY A 213 42.11 -1.20 0.68
N LEU A 214 41.09 -0.66 1.38
CA LEU A 214 41.21 -0.49 2.82
C LEU A 214 41.31 -1.84 3.51
N ASN A 215 40.51 -2.81 3.07
CA ASN A 215 40.47 -4.11 3.71
C ASN A 215 41.79 -4.87 3.57
N ASN A 216 42.53 -4.60 2.49
CA ASN A 216 43.73 -5.35 2.16
C ASN A 216 44.96 -4.88 2.94
N LEU A 217 44.90 -3.72 3.59
CA LEU A 217 46.03 -3.13 4.27
C LEU A 217 46.24 -3.79 5.64
N PRO A 218 47.50 -3.85 6.15
CA PRO A 218 47.76 -4.26 7.53
C PRO A 218 47.23 -3.25 8.54
N LYS A 219 46.80 -3.75 9.71
CA LYS A 219 46.14 -2.90 10.70
C LYS A 219 46.60 -3.20 12.13
N SER A 220 47.92 -3.05 12.39
CA SER A 220 48.48 -3.29 13.71
C SER A 220 49.02 -2.03 14.39
N THR A 221 49.97 -1.37 13.71
CA THR A 221 50.76 -0.30 14.32
C THR A 221 50.24 1.07 13.91
N TYR A 222 50.86 2.07 14.52
CA TYR A 222 50.57 3.47 14.25
C TYR A 222 50.87 3.75 12.78
N GLN A 223 52.01 3.21 12.30
CA GLN A 223 52.41 3.42 10.91
C GLN A 223 51.37 2.83 9.98
N ASP A 224 50.86 1.62 10.32
CA ASP A 224 49.81 0.98 9.53
C ASP A 224 48.59 1.91 9.46
N TRP A 225 48.25 2.51 10.62
CA TRP A 225 47.11 3.42 10.71
C TRP A 225 47.30 4.68 9.86
N ILE A 226 48.47 5.34 10.00
CA ILE A 226 48.81 6.52 9.19
C ILE A 226 48.54 6.22 7.71
N THR A 227 49.03 5.06 7.26
CA THR A 227 48.90 4.69 5.87
C THR A 227 47.44 4.46 5.51
N TYR A 228 46.70 3.75 6.37
CA TYR A 228 45.29 3.47 6.14
C TYR A 228 44.46 4.74 6.01
N ASN A 229 44.66 5.66 6.94
CA ASN A 229 43.90 6.90 6.95
C ASN A 229 44.27 7.77 5.74
N ARG A 230 45.56 7.75 5.36
CA ARG A 230 45.97 8.45 4.15
C ARG A 230 45.24 7.87 2.94
N LEU A 231 45.19 6.54 2.83
CA LEU A 231 44.53 5.92 1.68
C LEU A 231 43.05 6.29 1.70
N ARG A 232 42.43 6.25 2.90
CA ARG A 232 41.01 6.59 2.99
C ARG A 232 40.71 8.03 2.55
N ARG A 233 41.55 8.97 3.01
CA ARG A 233 41.40 10.38 2.67
C ARG A 233 41.64 10.57 1.16
N ASP A 234 42.77 10.04 0.65
CA ASP A 234 43.14 10.32 -0.74
C ASP A 234 42.13 9.75 -1.72
N LEU A 235 41.67 8.53 -1.44
CA LEU A 235 40.65 7.91 -2.28
C LEU A 235 39.28 8.59 -2.12
N THR A 236 38.99 9.18 -0.94
CA THR A 236 37.77 9.95 -0.83
C THR A 236 37.82 11.15 -1.79
N LEU A 237 38.96 11.87 -1.75
CA LEU A 237 39.11 13.10 -2.52
C LEU A 237 39.20 12.86 -4.03
N THR A 238 39.86 11.77 -4.48
CA THR A 238 40.17 11.55 -5.89
C THR A 238 39.22 10.55 -6.54
N VAL A 239 38.41 9.84 -5.73
CA VAL A 239 37.49 8.84 -6.29
C VAL A 239 36.06 9.08 -5.82
N LEU A 240 35.84 8.93 -4.50
CA LEU A 240 34.47 8.87 -4.01
C LEU A 240 33.74 10.20 -4.21
N ASP A 241 34.45 11.31 -4.01
CA ASP A 241 33.87 12.64 -4.20
C ASP A 241 33.44 12.86 -5.64
N ILE A 242 34.14 12.24 -6.59
CA ILE A 242 33.73 12.37 -8.00
C ILE A 242 32.53 11.47 -8.29
N ALA A 243 32.60 10.24 -7.77
CA ALA A 243 31.57 9.24 -8.05
C ALA A 243 30.20 9.69 -7.51
N ALA A 244 30.21 10.52 -6.46
CA ALA A 244 28.97 11.04 -5.86
C ALA A 244 28.14 11.82 -6.87
N PHE A 245 28.76 12.32 -7.95
CA PHE A 245 28.07 13.14 -8.94
C PHE A 245 27.53 12.31 -10.10
N PHE A 246 27.91 11.02 -10.20
CA PHE A 246 27.57 10.23 -11.37
C PHE A 246 26.05 10.23 -11.63
N PRO A 247 25.15 10.09 -10.62
CA PRO A 247 23.71 10.06 -10.92
C PRO A 247 23.19 11.33 -11.59
N ASN A 248 23.92 12.44 -11.45
CA ASN A 248 23.48 13.72 -11.99
C ASN A 248 23.52 13.73 -13.51
N TYR A 249 24.28 12.81 -14.11
CA TYR A 249 24.34 12.71 -15.56
C TYR A 249 23.08 12.10 -16.17
N ASP A 250 22.16 11.54 -15.34
CA ASP A 250 20.88 11.07 -15.84
C ASP A 250 20.01 12.28 -16.14
N ASN A 251 19.96 12.69 -17.41
CA ASN A 251 19.30 13.94 -17.79
C ASN A 251 17.77 13.82 -17.69
N ARG A 252 17.24 12.58 -17.75
CA ARG A 252 15.80 12.40 -17.60
C ARG A 252 15.38 12.58 -16.14
N ARG A 253 16.26 12.23 -15.19
CA ARG A 253 15.99 12.46 -13.78
C ARG A 253 16.29 13.89 -13.33
N TYR A 254 17.29 14.54 -13.96
CA TYR A 254 17.75 15.87 -13.60
C TYR A 254 17.61 16.81 -14.81
N PRO A 255 16.35 17.23 -15.14
CA PRO A 255 16.08 18.07 -16.31
C PRO A 255 16.53 19.52 -16.12
N ILE A 256 16.73 19.88 -14.85
CA ILE A 256 17.11 21.20 -14.39
C ILE A 256 18.41 21.05 -13.57
N GLN A 257 19.27 22.08 -13.58
CA GLN A 257 20.57 22.02 -12.95
C GLN A 257 20.51 21.55 -11.48
N PRO A 258 21.17 20.41 -11.15
CA PRO A 258 21.34 19.97 -9.76
C PRO A 258 22.54 20.56 -9.05
N VAL A 259 22.37 20.85 -7.76
CA VAL A 259 23.49 21.24 -6.92
C VAL A 259 23.71 20.21 -5.82
N GLY A 260 24.85 19.50 -5.87
CA GLY A 260 25.18 18.44 -4.93
C GLY A 260 25.88 18.96 -3.68
N GLN A 261 25.87 18.14 -2.63
CA GLN A 261 26.58 18.40 -1.40
C GLN A 261 27.29 17.12 -0.97
N LEU A 262 28.57 17.23 -0.64
CA LEU A 262 29.34 16.16 -0.02
C LEU A 262 29.37 16.39 1.49
N THR A 263 28.77 15.47 2.26
CA THR A 263 28.63 15.68 3.69
C THR A 263 29.65 14.88 4.49
N ARG A 264 30.42 14.00 3.83
CA ARG A 264 31.38 13.17 4.55
C ARG A 264 32.43 14.00 5.30
N GLU A 265 32.89 13.43 6.43
CA GLU A 265 33.99 13.95 7.23
C GLU A 265 35.31 13.29 6.83
N VAL A 266 36.35 14.09 6.60
CA VAL A 266 37.68 13.58 6.33
C VAL A 266 38.60 14.05 7.43
N TYR A 267 39.66 13.26 7.63
CA TYR A 267 40.57 13.43 8.73
C TYR A 267 41.98 13.63 8.21
N THR A 268 42.58 14.74 8.66
CA THR A 268 43.97 15.02 8.37
C THR A 268 44.85 14.15 9.25
N ASP A 269 46.13 14.06 8.86
CA ASP A 269 47.12 13.30 9.60
C ASP A 269 47.14 13.80 11.03
N PRO A 270 47.36 12.90 12.02
CA PRO A 270 47.57 13.34 13.40
C PRO A 270 48.70 14.35 13.55
N LEU A 271 48.43 15.32 14.42
CA LEU A 271 49.42 16.27 14.87
C LEU A 271 50.30 15.59 15.91
N ILE A 272 51.17 14.71 15.37
CA ILE A 272 52.17 13.94 16.09
C ILE A 272 53.41 13.89 15.20
N ASN A 273 54.54 14.28 15.79
CA ASN A 273 55.82 14.26 15.12
C ASN A 273 56.42 12.84 15.17
N PHE A 274 56.50 12.19 14.01
CA PHE A 274 56.99 10.82 13.98
C PHE A 274 57.60 10.51 12.61
N ASN A 275 58.78 9.90 12.66
CA ASN A 275 59.50 9.47 11.47
C ASN A 275 59.80 7.99 11.63
N PRO A 276 59.09 7.11 10.88
CA PRO A 276 59.25 5.67 11.04
C PRO A 276 60.64 5.15 10.76
N GLN A 277 61.43 5.88 9.97
CA GLN A 277 62.79 5.45 9.68
C GLN A 277 63.68 5.57 10.92
N LEU A 278 63.38 6.54 11.80
CA LEU A 278 64.28 6.89 12.88
C LEU A 278 63.78 6.36 14.22
N GLN A 279 62.46 6.18 14.33
CA GLN A 279 61.83 6.10 15.64
C GLN A 279 60.98 4.84 15.74
N SER A 280 60.79 4.38 16.98
CA SER A 280 60.04 3.18 17.29
C SER A 280 58.54 3.47 17.37
N VAL A 281 57.79 2.68 16.60
CA VAL A 281 56.34 2.73 16.54
C VAL A 281 55.71 2.31 17.87
N ALA A 282 56.48 1.60 18.69
CA ALA A 282 56.09 1.15 20.02
C ALA A 282 55.73 2.30 20.96
N GLN A 283 56.14 3.52 20.62
CA GLN A 283 55.86 4.68 21.46
C GLN A 283 54.60 5.42 21.00
N LEU A 284 53.96 4.91 19.94
CA LEU A 284 52.76 5.54 19.41
C LEU A 284 51.53 4.64 19.51
N PRO A 285 50.31 5.23 19.58
CA PRO A 285 49.08 4.45 19.70
C PRO A 285 48.96 3.39 18.59
N THR A 286 48.45 2.20 18.94
CA THR A 286 48.20 1.16 17.96
C THR A 286 47.06 1.52 17.04
N PHE A 287 46.93 0.72 15.97
CA PHE A 287 45.89 0.92 14.99
C PHE A 287 44.52 0.98 15.67
N ASN A 288 44.21 -0.05 16.48
CA ASN A 288 42.86 -0.15 17.02
C ASN A 288 42.55 1.02 17.96
N VAL A 289 43.58 1.52 18.67
CA VAL A 289 43.38 2.66 19.56
C VAL A 289 43.10 3.89 18.72
N MET A 290 43.89 4.06 17.63
CA MET A 290 43.71 5.21 16.76
C MET A 290 42.29 5.19 16.18
N GLU A 291 41.87 4.06 15.62
CA GLU A 291 40.62 4.02 14.87
C GLU A 291 39.41 4.19 15.80
N SER A 292 39.52 3.66 17.01
CA SER A 292 38.41 3.74 17.98
C SER A 292 38.34 5.10 18.67
N SER A 293 39.50 5.76 18.85
CA SER A 293 39.66 7.02 19.58
C SER A 293 39.47 8.23 18.69
N ALA A 294 40.09 8.19 17.50
CA ALA A 294 40.27 9.41 16.75
C ALA A 294 39.12 9.64 15.76
N ILE A 295 38.44 8.58 15.35
CA ILE A 295 37.39 8.66 14.32
C ILE A 295 36.01 8.63 14.96
N ARG A 296 35.18 9.61 14.59
CA ARG A 296 33.80 9.65 15.09
C ARG A 296 32.92 8.57 14.44
N ASN A 297 31.98 8.05 15.24
CA ASN A 297 30.90 7.22 14.76
C ASN A 297 29.94 8.08 13.96
N PRO A 298 29.13 7.48 13.07
CA PRO A 298 28.22 8.24 12.21
C PRO A 298 27.27 9.13 13.00
N HIS A 299 27.04 10.33 12.44
CA HIS A 299 26.31 11.36 13.17
C HIS A 299 25.70 12.35 12.19
N LEU A 300 24.73 13.12 12.69
CA LEU A 300 24.18 14.23 11.94
C LEU A 300 25.29 15.26 11.72
N PHE A 301 25.20 15.89 10.55
CA PHE A 301 26.12 16.92 10.16
C PHE A 301 26.17 18.00 11.24
N ASP A 302 27.41 18.35 11.64
CA ASP A 302 27.55 19.38 12.66
C ASP A 302 28.62 20.40 12.30
N ILE A 303 28.56 21.49 13.08
CA ILE A 303 29.34 22.69 12.83
C ILE A 303 30.09 23.06 14.11
N LEU A 304 31.40 23.26 13.97
CA LEU A 304 32.23 23.65 15.08
C LEU A 304 31.83 25.03 15.61
N ASN A 305 31.51 25.10 16.91
CA ASN A 305 31.07 26.32 17.54
C ASN A 305 32.18 26.88 18.45
N ASN A 306 32.62 26.07 19.41
CA ASN A 306 33.59 26.46 20.41
C ASN A 306 34.54 25.29 20.68
N LEU A 307 35.84 25.65 20.76
CA LEU A 307 36.88 24.74 21.18
C LEU A 307 37.56 25.32 22.42
N THR A 308 37.57 24.55 23.53
CA THR A 308 38.19 24.97 24.78
C THR A 308 39.38 24.01 25.02
N ILE A 309 40.60 24.58 25.13
CA ILE A 309 41.82 23.79 25.18
C ILE A 309 42.52 23.95 26.53
N PHE A 310 42.95 22.81 27.10
CA PHE A 310 43.60 22.74 28.40
C PHE A 310 45.07 22.42 28.18
N THR A 311 45.91 23.12 28.94
CA THR A 311 47.35 23.05 28.79
C THR A 311 47.94 22.31 29.98
N ASP A 312 48.74 21.28 29.67
CA ASP A 312 49.47 20.55 30.69
C ASP A 312 50.96 20.83 30.50
N TRP A 313 51.76 20.21 31.36
CA TRP A 313 53.18 20.36 31.15
C TRP A 313 53.97 19.12 31.55
N PHE A 314 55.24 19.15 31.14
CA PHE A 314 56.23 18.17 31.53
C PHE A 314 57.32 18.94 32.21
N SER A 315 57.52 18.66 33.50
CA SER A 315 58.33 19.51 34.37
C SER A 315 59.76 19.66 33.85
N VAL A 316 60.36 18.52 33.46
CA VAL A 316 61.72 18.50 32.98
C VAL A 316 61.73 19.23 31.63
N GLY A 317 62.40 20.37 31.59
CA GLY A 317 62.55 21.15 30.37
C GLY A 317 61.37 22.08 30.14
N ARG A 318 60.43 22.10 31.11
CA ARG A 318 59.41 23.13 31.20
C ARG A 318 58.58 23.19 29.91
N ASN A 319 58.05 22.03 29.53
CA ASN A 319 57.49 21.80 28.21
C ASN A 319 55.96 21.82 28.36
N PHE A 320 55.30 22.84 27.82
CA PHE A 320 53.84 22.90 27.82
C PHE A 320 53.28 22.29 26.54
N TYR A 321 52.06 21.76 26.63
CA TYR A 321 51.46 21.14 25.47
C TYR A 321 49.96 21.01 25.70
N TRP A 322 49.25 20.76 24.59
CA TRP A 322 47.82 20.50 24.58
C TRP A 322 47.54 19.19 25.30
N GLY A 323 46.93 19.31 26.49
CA GLY A 323 46.68 18.15 27.34
C GLY A 323 45.24 17.62 27.30
N GLY A 324 44.32 18.46 26.77
CA GLY A 324 42.95 18.02 26.55
C GLY A 324 42.09 19.14 25.99
N HIS A 325 40.79 18.85 25.78
CA HIS A 325 39.92 19.83 25.19
C HIS A 325 38.47 19.37 25.31
N ARG A 326 37.58 20.33 25.05
CA ARG A 326 36.15 20.10 24.96
C ARG A 326 35.66 20.76 23.68
N VAL A 327 34.77 20.07 22.95
CA VAL A 327 34.19 20.59 21.72
C VAL A 327 32.72 20.89 21.96
N ILE A 328 32.27 22.11 21.56
CA ILE A 328 30.85 22.42 21.37
C ILE A 328 30.57 22.59 19.87
N SER A 329 29.58 21.83 19.40
CA SER A 329 29.12 21.87 18.02
C SER A 329 27.66 22.28 17.95
N SER A 330 27.23 22.67 16.75
CA SER A 330 25.84 23.04 16.50
C SER A 330 25.27 22.21 15.35
N LEU A 331 23.94 22.06 15.37
CA LEU A 331 23.22 21.44 14.27
C LEU A 331 22.54 22.54 13.47
N ILE A 332 22.22 22.23 12.20
CA ILE A 332 21.52 23.20 11.38
C ILE A 332 20.08 23.28 11.87
N GLY A 333 19.76 24.42 12.47
CA GLY A 333 18.41 24.68 12.95
C GLY A 333 18.06 23.98 14.26
N GLY A 334 19.07 23.44 14.94
CA GLY A 334 18.85 22.82 16.23
C GLY A 334 19.78 23.40 17.28
N GLY A 335 20.07 22.61 18.32
CA GLY A 335 20.82 23.14 19.45
C GLY A 335 22.31 22.85 19.37
N ASN A 336 22.94 23.01 20.54
CA ASN A 336 24.34 22.66 20.66
C ASN A 336 24.50 21.24 21.18
N ILE A 337 25.64 20.67 20.75
CA ILE A 337 26.14 19.37 21.15
C ILE A 337 27.45 19.59 21.91
N THR A 338 27.54 19.04 23.13
CA THR A 338 28.75 19.14 23.93
C THR A 338 29.46 17.79 24.05
N SER A 339 30.80 17.82 23.97
CA SER A 339 31.60 16.64 24.21
C SER A 339 31.97 16.55 25.69
N PRO A 340 32.34 15.34 26.14
CA PRO A 340 33.10 15.20 27.39
C PRO A 340 34.48 15.81 27.16
N ILE A 341 35.26 15.83 28.24
CA ILE A 341 36.66 16.19 28.16
C ILE A 341 37.39 15.09 27.38
N TYR A 342 38.11 15.51 26.31
CA TYR A 342 39.11 14.68 25.67
C TYR A 342 40.43 14.90 26.39
N GLY A 343 41.18 13.82 26.66
CA GLY A 343 42.40 13.97 27.43
C GLY A 343 42.11 14.36 28.87
N ARG A 344 42.86 15.36 29.35
CA ARG A 344 42.80 15.78 30.73
C ARG A 344 42.46 17.27 30.83
N GLU A 345 41.77 17.63 31.91
CA GLU A 345 41.49 19.02 32.23
C GLU A 345 42.63 19.61 33.03
N ALA A 346 43.73 19.89 32.33
CA ALA A 346 44.95 20.36 32.96
C ALA A 346 44.87 21.88 33.17
N ASN A 347 45.66 22.38 34.10
CA ASN A 347 45.63 23.80 34.47
C ASN A 347 47.03 24.38 34.69
N GLN A 348 47.96 24.06 33.79
CA GLN A 348 49.33 24.54 33.93
C GLN A 348 49.45 25.92 33.30
N GLU A 349 48.64 26.18 32.28
CA GLU A 349 48.32 27.54 31.87
C GLU A 349 46.80 27.63 31.89
N PRO A 350 46.22 28.85 31.93
CA PRO A 350 44.75 29.02 31.90
C PRO A 350 44.12 28.35 30.68
N PRO A 351 42.86 27.87 30.80
CA PRO A 351 42.17 27.35 29.62
C PRO A 351 41.98 28.44 28.57
N ARG A 352 42.04 28.05 27.31
CA ARG A 352 41.76 28.95 26.21
C ARG A 352 40.48 28.52 25.54
N SER A 353 39.56 29.46 25.47
CA SER A 353 38.24 29.20 24.90
C SER A 353 38.03 30.04 23.63
N PHE A 354 37.86 29.36 22.49
CA PHE A 354 37.66 29.99 21.20
C PHE A 354 36.26 29.70 20.64
N THR A 355 35.46 30.78 20.54
CA THR A 355 34.19 30.77 19.83
C THR A 355 34.47 31.39 18.47
N PHE A 356 34.53 30.54 17.44
CA PHE A 356 35.10 30.92 16.17
C PHE A 356 34.23 31.93 15.42
N ASN A 357 32.89 31.80 15.55
CA ASN A 357 31.91 32.64 14.85
C ASN A 357 32.18 32.73 13.34
N GLY A 358 32.60 31.60 12.78
CA GLY A 358 32.98 31.52 11.38
C GLY A 358 33.71 30.22 11.08
N PRO A 359 33.85 29.88 9.77
CA PRO A 359 34.55 28.67 9.37
C PRO A 359 36.06 28.80 9.56
N VAL A 360 36.68 27.79 10.21
CA VAL A 360 38.13 27.69 10.27
C VAL A 360 38.60 26.97 9.00
N PHE A 361 39.37 27.72 8.18
CA PHE A 361 39.82 27.19 6.88
C PHE A 361 41.29 26.74 6.97
N ARG A 362 41.98 27.10 8.05
CA ARG A 362 43.38 26.74 8.12
C ARG A 362 43.84 26.52 9.57
N THR A 363 44.63 25.44 9.77
CA THR A 363 45.38 25.29 11.00
C THR A 363 46.88 25.31 10.69
N LEU A 364 47.63 26.07 11.49
CA LEU A 364 49.09 26.06 11.50
C LEU A 364 49.55 25.55 12.86
N SER A 365 50.14 24.34 12.87
CA SER A 365 50.31 23.54 14.08
C SER A 365 51.77 23.26 14.33
N ASN A 366 52.11 23.10 15.62
CA ASN A 366 53.46 22.87 16.07
C ASN A 366 53.51 21.61 16.95
N PRO A 367 53.40 20.40 16.34
CA PRO A 367 53.70 19.15 17.05
C PRO A 367 55.18 18.87 17.14
N THR A 368 55.69 18.66 18.36
CA THR A 368 57.12 18.56 18.56
C THR A 368 57.48 17.18 19.09
N LEU A 369 58.74 16.84 18.84
CA LEU A 369 59.42 15.75 19.53
C LEU A 369 60.57 16.31 20.35
N ARG A 370 60.50 16.08 21.67
CA ARG A 370 61.57 16.44 22.59
C ARG A 370 62.18 15.18 23.18
N LEU A 371 63.51 15.14 23.10
CA LEU A 371 64.30 14.03 23.57
C LEU A 371 64.99 14.47 24.85
N LEU A 372 64.63 13.86 25.97
CA LEU A 372 65.27 14.10 27.25
C LEU A 372 66.30 13.01 27.54
N GLN A 373 67.56 13.42 27.71
CA GLN A 373 68.67 12.51 27.82
C GLN A 373 68.61 11.74 29.13
N GLN A 374 68.92 10.46 29.06
CA GLN A 374 69.15 9.69 30.28
C GLN A 374 70.56 9.12 30.21
N PRO A 375 71.14 8.66 31.35
CA PRO A 375 72.52 8.17 31.40
C PRO A 375 72.63 6.85 30.66
N TRP A 376 73.78 6.62 30.05
CA TRP A 376 74.07 5.36 29.41
C TRP A 376 73.83 4.21 30.39
N PRO A 377 73.27 3.06 29.95
CA PRO A 377 72.82 2.86 28.56
C PRO A 377 71.34 3.02 28.23
N ALA A 378 70.62 3.85 29.00
CA ALA A 378 69.19 4.03 28.75
C ALA A 378 69.01 4.93 27.53
N PRO A 379 68.00 4.66 26.69
CA PRO A 379 67.73 5.54 25.56
C PRO A 379 67.06 6.81 26.08
N PRO A 380 66.98 7.89 25.27
CA PRO A 380 66.30 9.12 25.71
C PRO A 380 64.81 8.91 25.95
N PHE A 381 64.27 9.70 26.88
CA PHE A 381 62.82 9.82 27.02
C PHE A 381 62.29 10.62 25.85
N ASN A 382 61.25 10.10 25.17
CA ASN A 382 60.61 10.75 24.04
C ASN A 382 59.28 11.39 24.46
N LEU A 383 59.21 12.74 24.38
CA LEU A 383 58.01 13.52 24.66
C LEU A 383 57.45 14.07 23.35
N ARG A 384 56.21 13.69 23.05
CA ARG A 384 55.51 14.15 21.85
C ARG A 384 54.22 14.84 22.27
N GLY A 385 54.10 16.09 21.81
CA GLY A 385 52.90 16.87 22.12
C GLY A 385 52.78 18.08 21.19
N VAL A 386 51.59 18.67 21.21
CA VAL A 386 51.29 19.82 20.41
C VAL A 386 51.54 21.05 21.27
N GLU A 387 52.51 21.88 20.86
CA GLU A 387 52.91 23.05 21.64
C GLU A 387 52.15 24.31 21.24
N GLY A 388 51.49 24.26 20.08
CA GLY A 388 50.81 25.45 19.58
C GLY A 388 50.03 25.15 18.31
N VAL A 389 48.89 25.88 18.18
CA VAL A 389 48.12 25.88 16.94
C VAL A 389 47.53 27.27 16.70
N GLU A 390 47.64 27.79 15.47
CA GLU A 390 46.86 28.95 15.05
C GLU A 390 45.72 28.52 14.14
N PHE A 391 44.48 28.90 14.51
CA PHE A 391 43.30 28.67 13.71
C PHE A 391 42.92 29.95 12.98
N SER A 392 42.66 29.84 11.67
CA SER A 392 42.30 30.98 10.85
C SER A 392 40.84 30.87 10.38
N THR A 393 40.04 31.92 10.64
CA THR A 393 38.76 32.11 9.96
C THR A 393 38.95 33.20 8.91
N PRO A 394 37.98 33.48 8.03
CA PRO A 394 38.16 34.56 7.04
C PRO A 394 38.38 35.97 7.59
N THR A 395 37.96 36.22 8.84
CA THR A 395 38.04 37.57 9.41
C THR A 395 38.96 37.61 10.63
N ASN A 396 39.36 36.47 11.20
CA ASN A 396 40.06 36.47 12.48
C ASN A 396 41.06 35.32 12.60
N SER A 397 42.04 35.49 13.47
CA SER A 397 42.83 34.34 13.85
C SER A 397 42.83 34.14 15.37
N PHE A 398 42.92 32.87 15.75
CA PHE A 398 42.81 32.44 17.13
C PHE A 398 44.07 31.65 17.42
N THR A 399 44.86 32.08 18.40
CA THR A 399 46.17 31.49 18.60
C THR A 399 46.23 30.75 19.92
N TYR A 400 46.37 29.42 19.86
CA TYR A 400 46.67 28.59 21.02
C TYR A 400 48.19 28.55 21.16
N ARG A 401 48.69 29.47 22.01
CA ARG A 401 50.07 29.55 22.45
C ARG A 401 51.00 30.15 21.39
N GLY A 402 51.01 29.56 20.19
CA GLY A 402 51.83 30.04 19.09
C GLY A 402 51.49 29.30 17.81
N ARG A 403 51.96 29.84 16.69
CA ARG A 403 51.78 29.25 15.37
C ARG A 403 52.88 28.23 15.13
N GLY A 404 52.64 27.24 14.29
CA GLY A 404 53.70 26.34 13.84
C GLY A 404 53.69 26.25 12.32
N THR A 405 54.39 25.25 11.76
CA THR A 405 54.66 25.22 10.32
C THR A 405 53.98 24.02 9.67
N VAL A 406 53.25 23.20 10.45
CA VAL A 406 52.45 22.15 9.86
C VAL A 406 51.13 22.76 9.40
N ASP A 407 50.96 22.77 8.07
CA ASP A 407 49.88 23.51 7.43
C ASP A 407 48.78 22.56 6.93
N SER A 408 47.52 22.78 7.39
CA SER A 408 46.41 21.96 6.90
C SER A 408 46.26 22.09 5.38
N LEU A 409 46.65 23.23 4.81
CA LEU A 409 46.50 23.45 3.38
C LEU A 409 47.34 22.48 2.54
N THR A 410 48.34 21.83 3.16
CA THR A 410 49.15 20.85 2.46
C THR A 410 48.34 19.60 2.13
N GLU A 411 47.41 19.21 3.04
CA GLU A 411 46.69 17.96 2.94
C GLU A 411 45.31 18.22 2.32
N LEU A 412 44.74 19.42 2.61
CA LEU A 412 43.41 19.77 2.12
C LEU A 412 43.55 21.11 1.42
N PRO A 413 44.07 21.12 0.18
CA PRO A 413 44.32 22.38 -0.49
C PRO A 413 43.04 23.08 -0.92
N PRO A 414 43.17 24.37 -1.28
CA PRO A 414 42.05 25.16 -1.77
C PRO A 414 41.42 24.49 -3.00
N GLU A 415 40.12 24.75 -3.18
CA GLU A 415 39.41 24.32 -4.37
C GLU A 415 39.48 25.37 -5.49
N ASP A 416 39.97 26.57 -5.15
CA ASP A 416 40.05 27.68 -6.08
C ASP A 416 41.31 28.49 -5.75
N ASN A 417 42.27 28.55 -6.69
CA ASN A 417 43.51 29.29 -6.48
C ASN A 417 43.47 30.66 -7.12
N SER A 418 42.30 31.10 -7.59
CA SER A 418 42.24 32.43 -8.19
C SER A 418 41.96 33.48 -7.12
N VAL A 419 41.69 33.04 -5.90
CA VAL A 419 41.43 33.95 -4.79
C VAL A 419 42.31 33.50 -3.63
N PRO A 420 42.51 34.30 -2.56
CA PRO A 420 43.24 33.81 -1.41
C PRO A 420 42.53 32.65 -0.71
N PRO A 421 43.29 31.78 -0.02
CA PRO A 421 42.69 30.65 0.73
C PRO A 421 41.47 30.94 1.62
N ARG A 422 41.42 32.15 2.20
CA ARG A 422 40.30 32.51 3.06
C ARG A 422 38.99 32.53 2.28
N GLU A 423 39.07 32.68 0.95
CA GLU A 423 37.90 32.61 0.07
C GLU A 423 37.85 31.28 -0.71
N GLY A 424 39.00 30.70 -1.06
CA GLY A 424 39.06 29.56 -1.95
C GLY A 424 39.17 28.18 -1.28
N TYR A 425 38.99 28.09 0.04
CA TYR A 425 39.24 26.87 0.79
C TYR A 425 38.26 25.77 0.38
N SER A 426 38.72 24.51 0.42
CA SER A 426 37.91 23.36 0.03
C SER A 426 37.17 22.77 1.24
N HIS A 427 37.74 22.95 2.44
CA HIS A 427 37.24 22.29 3.64
C HIS A 427 37.27 23.24 4.84
N ARG A 428 36.37 23.00 5.82
CA ARG A 428 36.37 23.76 7.06
C ARG A 428 36.52 22.77 8.22
N LEU A 429 37.11 23.27 9.31
CA LEU A 429 37.33 22.45 10.49
C LEU A 429 36.00 22.05 11.14
N CYS A 430 35.83 20.74 11.41
CA CYS A 430 34.58 20.25 12.00
C CYS A 430 34.74 19.86 13.47
N HIS A 431 35.79 19.10 13.76
CA HIS A 431 35.94 18.50 15.06
C HIS A 431 37.42 18.21 15.36
N ALA A 432 37.67 17.90 16.65
CA ALA A 432 38.99 17.51 17.11
C ALA A 432 38.87 16.39 18.13
N THR A 433 39.70 15.36 17.91
CA THR A 433 39.81 14.23 18.82
C THR A 433 41.23 14.20 19.36
N PHE A 434 41.45 13.29 20.30
CA PHE A 434 42.67 13.24 21.10
C PHE A 434 43.12 11.79 21.28
N VAL A 435 44.43 11.55 21.16
CA VAL A 435 44.98 10.22 21.28
C VAL A 435 46.20 10.29 22.21
N GLN A 436 46.44 9.19 22.92
CA GLN A 436 47.52 9.15 23.90
C GLN A 436 48.09 7.74 24.04
N ARG A 437 49.39 7.66 24.35
CA ARG A 437 50.04 6.44 24.78
C ARG A 437 51.19 6.84 25.71
N SER A 438 51.33 6.12 26.82
CA SER A 438 52.40 6.40 27.75
C SER A 438 53.02 5.07 28.15
N GLY A 439 54.25 5.18 28.63
CA GLY A 439 55.03 3.99 28.93
C GLY A 439 56.47 4.38 29.20
N THR A 440 57.40 3.43 28.97
CA THR A 440 58.81 3.58 29.30
C THR A 440 59.66 3.66 28.03
N PRO A 441 60.46 4.74 27.82
CA PRO A 441 60.35 6.00 28.53
C PRO A 441 59.74 6.99 27.54
N PHE A 442 58.45 7.20 27.63
CA PHE A 442 57.83 8.05 26.65
C PHE A 442 56.46 8.53 27.10
N LEU A 443 56.09 9.68 26.54
CA LEU A 443 54.73 10.19 26.66
C LEU A 443 54.36 10.74 25.30
N THR A 444 53.34 10.12 24.69
CA THR A 444 52.81 10.57 23.41
C THR A 444 51.38 11.08 23.58
N THR A 445 51.16 12.34 23.18
CA THR A 445 49.82 12.89 23.05
C THR A 445 49.73 13.52 21.66
N GLY A 446 48.51 13.54 21.15
CA GLY A 446 48.25 14.09 19.84
C GLY A 446 46.81 14.44 19.59
N VAL A 447 46.65 15.28 18.57
CA VAL A 447 45.32 15.75 18.16
C VAL A 447 45.07 15.36 16.72
N VAL A 448 43.81 15.01 16.47
CA VAL A 448 43.33 14.70 15.15
C VAL A 448 42.15 15.60 14.82
N PHE A 449 42.27 16.28 13.67
CA PHE A 449 41.26 17.18 13.14
C PHE A 449 40.43 16.50 12.04
N SER A 450 39.10 16.74 12.10
CA SER A 450 38.16 16.38 11.05
C SER A 450 37.60 17.63 10.38
N TRP A 451 37.24 17.46 9.10
CA TRP A 451 36.90 18.56 8.20
C TRP A 451 35.67 18.20 7.35
N THR A 452 34.82 19.18 7.07
CA THR A 452 33.73 19.00 6.11
C THR A 452 34.00 19.84 4.87
N HIS A 453 33.45 19.34 3.77
CA HIS A 453 33.70 19.93 2.45
C HIS A 453 32.86 21.18 2.30
N ARG A 454 33.37 22.16 1.52
CA ARG A 454 32.71 23.43 1.25
C ARG A 454 31.29 23.27 0.70
N SER A 455 31.05 22.20 -0.06
CA SER A 455 29.76 22.04 -0.73
C SER A 455 28.65 21.66 0.26
N ALA A 456 29.04 21.22 1.45
CA ALA A 456 28.07 20.99 2.52
C ALA A 456 27.84 22.35 3.20
N THR A 457 26.71 22.98 2.82
CA THR A 457 26.41 24.35 3.21
C THR A 457 25.94 24.40 4.67
N LEU A 458 26.17 25.55 5.31
CA LEU A 458 25.90 25.69 6.74
C LEU A 458 24.42 25.99 7.00
N THR A 459 23.66 26.31 5.95
CA THR A 459 22.21 26.31 5.94
C THR A 459 21.71 25.38 4.83
N ASN A 460 20.45 24.93 4.96
CA ASN A 460 19.79 24.14 3.94
C ASN A 460 18.90 25.08 3.13
N THR A 461 19.43 25.61 2.02
CA THR A 461 18.75 26.65 1.27
C THR A 461 18.13 26.05 0.01
N ILE A 462 16.87 26.43 -0.25
CA ILE A 462 16.13 26.08 -1.44
C ILE A 462 16.24 27.20 -2.46
N ASP A 463 16.88 26.88 -3.61
CA ASP A 463 16.98 27.79 -4.73
C ASP A 463 15.93 27.40 -5.77
N PRO A 464 15.02 28.32 -6.16
CA PRO A 464 14.00 27.98 -7.16
C PRO A 464 14.51 27.68 -8.59
N GLU A 465 15.78 28.00 -8.88
CA GLU A 465 16.32 27.77 -10.22
C GLU A 465 17.12 26.47 -10.31
N ARG A 466 17.05 25.62 -9.28
CA ARG A 466 17.89 24.42 -9.20
C ARG A 466 17.07 23.22 -8.72
N ILE A 467 17.61 22.01 -8.96
CA ILE A 467 17.22 20.85 -8.18
C ILE A 467 18.12 20.83 -6.97
N ASN A 468 17.47 21.04 -5.82
CA ASN A 468 18.12 21.18 -4.53
C ASN A 468 18.24 19.81 -3.89
N GLN A 469 19.48 19.39 -3.61
CA GLN A 469 19.77 18.08 -3.08
C GLN A 469 20.10 18.25 -1.62
N ILE A 470 19.29 17.64 -0.73
CA ILE A 470 19.48 17.79 0.71
C ILE A 470 19.57 16.41 1.36
N PRO A 471 20.81 15.97 1.69
CA PRO A 471 21.03 14.76 2.48
C PRO A 471 20.38 14.87 3.86
N LEU A 472 19.70 13.77 4.25
CA LEU A 472 18.97 13.74 5.50
C LEU A 472 19.87 13.91 6.71
N VAL A 473 21.20 13.62 6.55
CA VAL A 473 22.15 13.83 7.62
C VAL A 473 22.28 15.30 7.96
N LYS A 474 21.70 16.19 7.14
CA LYS A 474 21.76 17.61 7.44
C LYS A 474 20.58 18.04 8.28
N GLY A 475 19.83 17.07 8.86
CA GLY A 475 18.76 17.40 9.78
C GLY A 475 19.33 17.76 11.15
N PHE A 476 18.44 18.04 12.10
CA PHE A 476 18.85 18.43 13.44
C PHE A 476 18.34 17.46 14.51
N ARG A 477 17.47 16.53 14.13
CA ARG A 477 16.89 15.61 15.10
C ARG A 477 16.70 14.26 14.40
N VAL A 478 17.30 13.23 14.98
CA VAL A 478 17.01 11.85 14.61
C VAL A 478 16.06 11.29 15.67
N TRP A 479 14.88 10.89 15.19
CA TRP A 479 13.87 10.36 16.06
C TRP A 479 14.20 8.93 16.52
N GLY A 480 13.55 8.56 17.63
CA GLY A 480 13.78 7.28 18.27
C GLY A 480 13.68 6.13 17.29
N GLY A 481 14.69 5.24 17.35
CA GLY A 481 14.72 4.07 16.49
C GLY A 481 15.35 4.31 15.12
N THR A 482 15.66 5.57 14.73
CA THR A 482 16.35 5.83 13.48
C THR A 482 17.85 5.90 13.76
N SER A 483 18.62 5.30 12.86
CA SER A 483 20.08 5.26 12.96
C SER A 483 20.72 5.98 11.77
N VAL A 484 21.80 6.74 12.06
CA VAL A 484 22.73 7.19 11.05
C VAL A 484 23.76 6.09 10.90
N ILE A 485 23.94 5.65 9.65
CA ILE A 485 24.89 4.60 9.31
C ILE A 485 25.87 5.07 8.23
N THR A 486 27.01 4.35 8.19
CA THR A 486 28.03 4.68 7.21
C THR A 486 27.45 4.45 5.82
N GLY A 487 27.70 5.45 4.97
CA GLY A 487 27.33 5.38 3.57
C GLY A 487 28.03 4.25 2.83
N PRO A 488 27.39 3.75 1.74
CA PRO A 488 27.96 2.66 0.94
C PRO A 488 29.19 3.05 0.12
N GLY A 489 29.38 4.37 -0.06
CA GLY A 489 30.62 4.89 -0.64
C GLY A 489 30.38 5.83 -1.81
N PHE A 490 29.19 5.77 -2.42
CA PHE A 490 28.86 6.50 -3.64
C PHE A 490 27.81 7.58 -3.45
N THR A 491 27.48 7.94 -2.18
CA THR A 491 26.43 8.90 -1.89
C THR A 491 27.01 10.22 -1.43
N GLY A 492 28.32 10.26 -1.15
CA GLY A 492 29.00 11.48 -0.72
C GLY A 492 28.91 11.72 0.79
N GLY A 493 28.40 10.74 1.56
CA GLY A 493 28.17 10.88 2.99
C GLY A 493 27.36 9.71 3.57
N ASP A 494 26.92 9.87 4.81
CA ASP A 494 26.19 8.86 5.55
C ASP A 494 24.71 8.90 5.18
N ILE A 495 23.97 7.88 5.61
CA ILE A 495 22.53 7.75 5.32
C ILE A 495 21.75 7.39 6.58
N LEU A 496 20.40 7.39 6.44
CA LEU A 496 19.51 7.10 7.57
C LEU A 496 18.83 5.76 7.30
N ARG A 497 18.66 5.00 8.40
CA ARG A 497 17.98 3.73 8.32
C ARG A 497 16.95 3.57 9.45
N ARG A 498 15.82 2.94 9.08
CA ARG A 498 14.88 2.36 10.01
C ARG A 498 14.56 0.91 9.64
N ASN A 499 14.43 0.04 10.66
CA ASN A 499 13.99 -1.33 10.45
C ASN A 499 12.48 -1.46 10.62
N THR A 500 11.81 -0.51 11.28
CA THR A 500 10.36 -0.51 11.35
C THR A 500 9.79 0.86 11.01
N PHE A 501 8.46 0.90 10.89
CA PHE A 501 7.78 2.14 10.59
C PHE A 501 8.03 3.11 11.75
N GLY A 502 8.06 4.41 11.44
CA GLY A 502 8.29 5.43 12.43
C GLY A 502 8.92 6.69 11.85
N ASP A 503 9.26 7.61 12.76
CA ASP A 503 9.80 8.91 12.40
C ASP A 503 11.28 8.82 12.08
N PHE A 504 11.68 9.46 10.96
CA PHE A 504 13.07 9.49 10.51
C PHE A 504 13.79 10.69 11.11
N VAL A 505 13.51 11.89 10.57
CA VAL A 505 14.31 13.06 10.84
C VAL A 505 13.44 14.31 10.75
N SER A 506 13.90 15.36 11.46
CA SER A 506 13.44 16.72 11.26
C SER A 506 14.59 17.58 10.74
N LEU A 507 14.27 18.43 9.76
CA LEU A 507 15.27 19.21 9.05
C LEU A 507 14.76 20.63 8.84
N GLN A 508 15.69 21.60 8.94
CA GLN A 508 15.34 22.99 8.76
C GLN A 508 15.74 23.40 7.34
N VAL A 509 14.85 24.17 6.70
CA VAL A 509 15.12 24.70 5.37
C VAL A 509 14.85 26.19 5.33
N ASN A 510 15.71 26.91 4.58
CA ASN A 510 15.52 28.31 4.25
C ASN A 510 15.11 28.39 2.79
N ILE A 511 14.15 29.28 2.48
CA ILE A 511 13.54 29.33 1.16
C ILE A 511 13.98 30.63 0.49
N ASN A 512 14.69 30.53 -0.66
CA ASN A 512 15.14 31.72 -1.36
C ASN A 512 14.11 32.14 -2.41
N SER A 513 12.87 32.38 -1.97
CA SER A 513 11.79 32.76 -2.87
C SER A 513 10.65 33.25 -2.00
N PRO A 514 9.62 33.94 -2.53
CA PRO A 514 8.40 34.12 -1.75
C PRO A 514 7.79 32.77 -1.38
N ILE A 515 7.13 32.75 -0.22
CA ILE A 515 6.68 31.53 0.41
C ILE A 515 5.41 31.01 -0.27
N THR A 516 4.83 31.82 -1.17
CA THR A 516 3.65 31.40 -1.92
C THR A 516 4.02 30.62 -3.17
N GLN A 517 5.32 30.47 -3.48
CA GLN A 517 5.74 29.58 -4.57
C GLN A 517 5.53 28.13 -4.16
N ARG A 518 5.15 27.30 -5.14
CA ARG A 518 4.87 25.91 -4.87
C ARG A 518 6.08 25.07 -5.27
N TYR A 519 6.32 24.03 -4.47
CA TYR A 519 7.43 23.10 -4.68
C TYR A 519 6.94 21.65 -4.79
N ARG A 520 7.82 20.82 -5.35
CA ARG A 520 7.63 19.38 -5.37
C ARG A 520 8.88 18.70 -4.81
N LEU A 521 8.70 17.49 -4.26
CA LEU A 521 9.84 16.80 -3.65
C LEU A 521 9.87 15.34 -4.04
N ARG A 522 11.08 14.75 -3.93
CA ARG A 522 11.23 13.33 -4.14
C ARG A 522 12.30 12.82 -3.19
N PHE A 523 12.39 11.50 -3.08
CA PHE A 523 13.45 10.88 -2.33
C PHE A 523 14.35 10.01 -3.19
N ARG A 524 15.65 9.95 -2.82
CA ARG A 524 16.56 8.90 -3.25
C ARG A 524 16.71 7.97 -2.06
N TYR A 525 16.30 6.71 -2.25
CA TYR A 525 16.13 5.77 -1.15
C TYR A 525 16.43 4.35 -1.65
N ALA A 526 16.59 3.46 -0.68
CA ALA A 526 16.63 2.03 -0.92
C ALA A 526 15.74 1.33 0.09
N SER A 527 15.02 0.29 -0.36
CA SER A 527 14.10 -0.40 0.54
C SER A 527 13.86 -1.84 0.12
N SER A 528 13.84 -2.75 1.12
CA SER A 528 13.42 -4.13 0.94
C SER A 528 11.94 -4.31 1.29
N ARG A 529 11.22 -3.21 1.56
CA ARG A 529 9.77 -3.23 1.71
C ARG A 529 9.13 -2.12 0.89
N ASP A 530 7.90 -2.37 0.44
CA ASP A 530 6.98 -1.32 0.02
C ASP A 530 6.60 -0.54 1.28
N ALA A 531 6.67 0.79 1.22
CA ALA A 531 6.42 1.64 2.37
C ALA A 531 5.66 2.90 1.93
N ARG A 532 5.29 3.71 2.92
CA ARG A 532 4.65 5.00 2.70
C ARG A 532 5.37 6.05 3.51
N VAL A 533 5.65 7.20 2.90
CA VAL A 533 6.40 8.24 3.58
C VAL A 533 5.54 9.50 3.59
N ILE A 534 5.49 10.12 4.77
CA ILE A 534 4.78 11.36 4.97
C ILE A 534 5.77 12.47 5.27
N VAL A 535 5.48 13.65 4.70
CA VAL A 535 6.26 14.84 4.97
C VAL A 535 5.36 15.88 5.62
N LEU A 536 5.76 16.33 6.81
CA LEU A 536 5.10 17.42 7.53
C LEU A 536 5.93 18.69 7.40
N THR A 537 5.23 19.81 7.19
CA THR A 537 5.84 21.14 7.23
C THR A 537 5.13 21.93 8.33
N GLY A 538 5.73 23.06 8.77
CA GLY A 538 5.02 24.05 9.58
C GLY A 538 4.83 23.62 11.03
N GLN A 547 -0.36 20.63 7.48
CA GLN A 547 0.81 20.01 8.15
C GLN A 547 1.26 18.81 7.33
N VAL A 548 0.37 17.84 7.05
CA VAL A 548 0.66 16.77 6.09
C VAL A 548 0.64 17.34 4.68
N SER A 549 1.84 17.57 4.15
CA SER A 549 2.06 18.21 2.86
C SER A 549 2.18 17.17 1.74
N VAL A 550 2.85 16.05 2.03
CA VAL A 550 3.11 14.98 1.07
C VAL A 550 2.83 13.63 1.71
N ASN A 551 2.20 12.76 0.92
CA ASN A 551 1.92 11.37 1.28
C ASN A 551 2.23 10.51 0.06
N MET A 552 3.40 9.87 0.10
CA MET A 552 4.10 9.31 -1.05
C MET A 552 4.32 7.81 -0.83
N PRO A 553 3.90 6.94 -1.78
CA PRO A 553 4.30 5.53 -1.73
C PRO A 553 5.74 5.35 -2.17
N LEU A 554 6.43 4.43 -1.48
CA LEU A 554 7.79 4.04 -1.76
C LEU A 554 7.80 2.56 -2.14
N GLN A 555 8.21 2.28 -3.38
CA GLN A 555 8.27 0.93 -3.93
C GLN A 555 9.54 0.21 -3.44
N LYS A 556 9.42 -1.08 -3.16
CA LYS A 556 10.56 -1.95 -2.88
C LYS A 556 11.60 -1.82 -3.98
N THR A 557 12.89 -1.70 -3.62
CA THR A 557 13.94 -1.58 -4.62
C THR A 557 14.90 -2.77 -4.62
N MET A 558 14.80 -3.66 -3.63
CA MET A 558 15.76 -4.74 -3.44
C MET A 558 15.14 -5.87 -2.64
N GLU A 559 15.72 -7.06 -2.77
CA GLU A 559 15.31 -8.22 -2.01
C GLU A 559 15.87 -8.15 -0.59
N ILE A 560 15.22 -8.88 0.32
CA ILE A 560 15.67 -9.04 1.69
C ILE A 560 17.05 -9.71 1.66
N GLY A 561 18.06 -9.08 2.26
CA GLY A 561 19.36 -9.73 2.33
C GLY A 561 20.37 -9.14 1.33
N GLU A 562 19.91 -8.65 0.18
CA GLU A 562 20.76 -8.09 -0.87
C GLU A 562 21.60 -6.93 -0.35
N ASN A 563 22.83 -6.79 -0.86
CA ASN A 563 23.69 -5.68 -0.47
C ASN A 563 23.23 -4.36 -1.08
N LEU A 564 23.61 -3.26 -0.41
CA LEU A 564 23.33 -1.91 -0.87
C LEU A 564 24.26 -1.50 -2.01
N THR A 565 23.89 -1.78 -3.26
CA THR A 565 24.66 -1.36 -4.41
C THR A 565 23.91 -0.19 -5.05
N SER A 566 24.54 0.42 -6.05
CA SER A 566 23.99 1.61 -6.67
C SER A 566 22.61 1.35 -7.25
N ARG A 567 22.39 0.15 -7.81
CA ARG A 567 21.14 -0.26 -8.42
C ARG A 567 19.97 -0.24 -7.41
N THR A 568 20.27 -0.44 -6.11
CA THR A 568 19.23 -0.56 -5.08
C THR A 568 18.68 0.80 -4.71
N PHE A 569 19.44 1.87 -5.03
CA PHE A 569 18.97 3.22 -4.75
C PHE A 569 18.18 3.71 -5.97
N ARG A 570 16.92 4.08 -5.71
CA ARG A 570 16.03 4.55 -6.75
C ARG A 570 15.48 5.91 -6.31
N TYR A 571 14.80 6.56 -7.26
CA TYR A 571 14.10 7.81 -7.05
C TYR A 571 12.59 7.59 -7.05
N THR A 572 11.87 8.33 -6.16
CA THR A 572 10.43 8.46 -6.29
C THR A 572 10.16 9.44 -7.42
N ASP A 573 8.89 9.45 -7.85
CA ASP A 573 8.35 10.55 -8.61
C ASP A 573 8.40 11.78 -7.71
N PHE A 574 8.38 12.96 -8.35
CA PHE A 574 8.11 14.20 -7.64
C PHE A 574 6.68 14.17 -7.12
N SER A 575 6.54 14.73 -5.91
CA SER A 575 5.28 14.79 -5.19
C SER A 575 4.32 15.78 -5.85
N ASN A 576 3.03 15.65 -5.44
CA ASN A 576 2.07 16.73 -5.48
C ASN A 576 2.74 18.03 -5.02
N PRO A 577 2.35 19.18 -5.59
CA PRO A 577 2.88 20.46 -5.14
C PRO A 577 2.39 20.80 -3.74
N PHE A 578 3.25 21.51 -3.03
CA PHE A 578 2.90 22.04 -1.74
C PHE A 578 3.63 23.37 -1.58
N SER A 579 3.20 24.10 -0.53
CA SER A 579 3.88 25.34 -0.14
C SER A 579 4.47 25.21 1.25
N PHE A 580 5.61 25.89 1.48
CA PHE A 580 6.10 26.07 2.83
C PHE A 580 5.22 27.11 3.51
N ARG A 581 5.13 26.93 4.84
CA ARG A 581 4.20 27.65 5.69
C ARG A 581 4.95 28.85 6.29
N ALA A 582 6.29 28.79 6.28
CA ALA A 582 7.08 29.82 6.93
C ALA A 582 8.52 29.77 6.40
N ASN A 583 9.32 30.75 6.80
CA ASN A 583 10.69 30.83 6.32
C ASN A 583 11.60 31.34 7.45
N PRO A 584 12.52 30.54 8.04
CA PRO A 584 12.70 29.13 7.68
C PRO A 584 11.51 28.26 8.08
N ASP A 585 11.44 27.06 7.47
CA ASP A 585 10.45 26.06 7.84
C ASP A 585 11.17 24.81 8.32
N ILE A 586 10.37 23.95 8.95
CA ILE A 586 10.83 22.66 9.44
C ILE A 586 10.04 21.57 8.73
N ILE A 587 10.78 20.59 8.22
CA ILE A 587 10.28 19.42 7.51
C ILE A 587 10.45 18.25 8.48
N GLY A 588 9.39 17.48 8.68
CA GLY A 588 9.47 16.20 9.35
C GLY A 588 9.14 15.05 8.38
N ILE A 589 9.92 13.97 8.48
CA ILE A 589 9.75 12.83 7.62
C ILE A 589 9.46 11.61 8.49
N SER A 590 8.36 10.93 8.16
CA SER A 590 7.95 9.75 8.90
C SER A 590 7.52 8.67 7.92
N GLU A 591 7.87 7.43 8.25
CA GLU A 591 7.43 6.27 7.49
C GLU A 591 6.21 5.65 8.17
N GLN A 592 5.24 5.21 7.36
CA GLN A 592 4.06 4.60 7.93
C GLN A 592 3.71 3.33 7.18
N PRO A 593 2.89 2.45 7.79
CA PRO A 593 2.45 1.23 7.11
C PRO A 593 1.69 1.59 5.81
N LEU A 594 1.98 0.87 4.72
CA LEU A 594 1.39 1.11 3.40
C LEU A 594 -0.14 1.16 3.53
N PHE A 595 -0.67 0.40 4.50
CA PHE A 595 -2.05 0.54 4.93
C PHE A 595 -2.13 0.08 6.40
N SER A 601 5.82 -5.32 9.89
CA SER A 601 7.19 -4.79 9.61
C SER A 601 7.97 -5.78 8.74
N SER A 602 8.67 -5.27 7.72
CA SER A 602 9.38 -6.17 6.81
C SER A 602 10.58 -5.42 6.24
N GLY A 603 11.76 -6.04 6.32
CA GLY A 603 12.96 -5.46 5.72
C GLY A 603 13.42 -4.13 6.32
N GLU A 604 14.10 -3.33 5.52
CA GLU A 604 14.70 -2.10 6.01
C GLU A 604 14.46 -1.00 5.00
N LEU A 605 14.43 0.24 5.49
CA LEU A 605 14.30 1.43 4.68
C LEU A 605 15.51 2.33 4.94
N TYR A 606 16.23 2.65 3.87
CA TYR A 606 17.30 3.62 3.88
C TYR A 606 16.89 4.84 3.07
N ILE A 607 17.18 6.02 3.58
CA ILE A 607 16.98 7.26 2.83
C ILE A 607 18.31 8.02 2.82
N ASP A 608 18.70 8.39 1.61
CA ASP A 608 19.90 9.16 1.35
C ASP A 608 19.55 10.64 1.44
N LYS A 609 18.73 11.10 0.49
CA LYS A 609 18.44 12.52 0.38
C LYS A 609 17.02 12.80 -0.08
N ILE A 610 16.59 14.03 0.20
CA ILE A 610 15.41 14.62 -0.40
C ILE A 610 15.87 15.63 -1.45
N GLU A 611 15.11 15.70 -2.55
CA GLU A 611 15.35 16.65 -3.61
C GLU A 611 14.11 17.51 -3.86
N ILE A 612 14.36 18.82 -4.01
CA ILE A 612 13.28 19.80 -4.09
C ILE A 612 13.44 20.64 -5.35
N ILE A 613 12.32 20.71 -6.10
CA ILE A 613 12.21 21.45 -7.34
C ILE A 613 11.00 22.39 -7.29
N LEU A 614 11.12 23.53 -7.97
CA LEU A 614 10.00 24.43 -8.13
C LEU A 614 8.94 23.73 -8.99
N ALA A 615 7.67 23.79 -8.56
CA ALA A 615 6.60 23.05 -9.24
C ALA A 615 6.44 23.55 -10.68
N ASP A 616 6.58 24.86 -10.90
CA ASP A 616 6.31 25.46 -12.21
C ASP A 616 7.40 25.11 -13.22
N ALA A 617 8.51 24.55 -12.76
CA ALA A 617 9.58 24.09 -13.63
C ALA A 617 9.34 22.67 -14.14
N THR A 618 8.18 22.07 -13.80
CA THR A 618 7.82 20.72 -14.22
C THR A 618 6.53 20.82 -15.05
N PHE A 619 6.17 19.72 -15.73
CA PHE A 619 4.92 19.66 -16.48
C PHE A 619 3.97 18.65 -15.85
N GLU A 620 3.42 19.01 -14.68
CA GLU A 620 2.63 18.09 -13.87
C GLU A 620 1.30 17.70 -14.54
N ALA A 621 0.63 18.67 -15.17
CA ALA A 621 -0.67 18.39 -15.75
C ALA A 621 -0.52 17.40 -16.91
N GLU A 622 0.58 17.55 -17.66
CA GLU A 622 0.86 16.67 -18.79
C GLU A 622 1.23 15.27 -18.31
N SER A 623 1.99 15.18 -17.21
CA SER A 623 2.32 13.92 -16.57
C SER A 623 1.07 13.19 -16.07
N ASP A 624 0.12 13.93 -15.47
CA ASP A 624 -1.13 13.35 -15.00
C ASP A 624 -1.96 12.83 -16.17
N LEU A 625 -1.98 13.58 -17.27
CA LEU A 625 -2.66 13.18 -18.49
C LEU A 625 -2.11 11.86 -19.04
N GLU A 626 -0.79 11.71 -19.03
CA GLU A 626 -0.17 10.54 -19.64
C GLU A 626 -0.51 9.29 -18.84
N ARG A 627 -0.53 9.38 -17.50
CA ARG A 627 -0.97 8.27 -16.67
C ARG A 627 -2.44 7.91 -16.87
N ALA A 628 -3.29 8.94 -16.95
CA ALA A 628 -4.71 8.72 -17.23
C ALA A 628 -4.89 7.99 -18.57
N GLN A 629 -4.14 8.43 -19.59
CA GLN A 629 -4.14 7.79 -20.91
C GLN A 629 -3.81 6.30 -20.83
N LYS A 630 -2.81 5.90 -20.03
CA LYS A 630 -2.47 4.48 -19.94
C LYS A 630 -3.58 3.68 -19.28
N ALA A 631 -4.19 4.28 -18.25
CA ALA A 631 -5.29 3.65 -17.52
C ALA A 631 -6.48 3.38 -18.44
N VAL A 632 -6.82 4.38 -19.27
CA VAL A 632 -7.94 4.24 -20.18
C VAL A 632 -7.60 3.20 -21.27
N ASN A 633 -6.38 3.24 -21.79
CA ASN A 633 -5.98 2.33 -22.86
C ASN A 633 -6.08 0.87 -22.42
N ALA A 634 -5.87 0.62 -21.12
CA ALA A 634 -5.81 -0.74 -20.59
C ALA A 634 -7.20 -1.37 -20.48
N LEU A 635 -8.25 -0.59 -20.70
CA LEU A 635 -9.60 -1.09 -20.65
C LEU A 635 -9.98 -1.97 -21.85
N PHE A 636 -9.39 -1.68 -23.00
CA PHE A 636 -9.81 -2.22 -24.28
C PHE A 636 -8.99 -3.45 -24.63
N THR A 637 -9.52 -4.28 -25.53
CA THR A 637 -8.82 -5.49 -25.96
C THR A 637 -7.56 -5.16 -26.77
N SER A 638 -7.61 -4.05 -27.52
CA SER A 638 -6.56 -3.70 -28.45
C SER A 638 -6.53 -2.19 -28.62
N SER A 639 -5.59 -1.75 -29.45
CA SER A 639 -5.42 -0.34 -29.70
C SER A 639 -6.51 0.24 -30.61
N ASN A 640 -7.41 -0.58 -31.14
CA ASN A 640 -8.51 -0.03 -31.93
C ASN A 640 -9.64 0.43 -31.03
N GLN A 641 -9.68 -0.03 -29.76
CA GLN A 641 -10.63 0.46 -28.76
C GLN A 641 -12.09 0.23 -29.18
N ILE A 642 -12.35 -0.88 -29.89
CA ILE A 642 -13.69 -1.27 -30.28
C ILE A 642 -14.30 -2.18 -29.23
N GLY A 643 -13.48 -2.92 -28.47
CA GLY A 643 -14.01 -3.90 -27.53
C GLY A 643 -13.37 -3.82 -26.16
N LEU A 644 -14.14 -4.22 -25.15
CA LEU A 644 -13.73 -4.21 -23.76
C LEU A 644 -13.16 -5.55 -23.37
N LYS A 645 -12.08 -5.55 -22.58
CA LYS A 645 -11.57 -6.80 -22.01
C LYS A 645 -12.61 -7.40 -21.04
N THR A 646 -12.82 -8.73 -21.13
CA THR A 646 -13.75 -9.43 -20.23
C THR A 646 -13.41 -9.26 -18.74
N ASP A 647 -12.11 -9.25 -18.43
CA ASP A 647 -11.63 -9.24 -17.06
C ASP A 647 -11.56 -7.81 -16.49
N VAL A 648 -11.83 -6.78 -17.30
CA VAL A 648 -12.02 -5.44 -16.78
C VAL A 648 -13.44 -5.31 -16.20
N THR A 649 -13.51 -5.00 -14.89
CA THR A 649 -14.80 -4.93 -14.19
C THR A 649 -15.50 -3.59 -14.45
N ASP A 650 -16.83 -3.61 -14.29
CA ASP A 650 -17.62 -2.40 -14.30
C ASP A 650 -17.10 -1.43 -13.23
N TYR A 651 -16.77 -1.94 -12.04
CA TYR A 651 -16.30 -1.08 -10.97
C TYR A 651 -14.98 -0.39 -11.35
N HIS A 652 -14.09 -1.17 -11.99
CA HIS A 652 -12.81 -0.62 -12.44
C HIS A 652 -13.00 0.53 -13.43
N ILE A 653 -13.97 0.39 -14.37
CA ILE A 653 -14.22 1.43 -15.35
C ILE A 653 -14.58 2.73 -14.61
N ASP A 654 -15.42 2.61 -13.55
CA ASP A 654 -15.83 3.76 -12.74
C ASP A 654 -14.60 4.41 -12.08
N GLN A 655 -13.66 3.57 -11.61
CA GLN A 655 -12.46 4.09 -10.98
C GLN A 655 -11.60 4.89 -11.98
N VAL A 656 -11.49 4.39 -13.20
CA VAL A 656 -10.70 5.08 -14.22
C VAL A 656 -11.37 6.40 -14.62
N SER A 657 -12.70 6.44 -14.63
CA SER A 657 -13.40 7.68 -14.95
C SER A 657 -13.05 8.77 -13.95
N ASN A 658 -12.79 8.41 -12.69
CA ASN A 658 -12.42 9.39 -11.68
C ASN A 658 -11.04 9.98 -12.01
N LEU A 659 -10.11 9.15 -12.50
CA LEU A 659 -8.80 9.63 -12.91
C LEU A 659 -8.92 10.75 -13.95
N VAL A 660 -9.73 10.49 -14.96
CA VAL A 660 -9.95 11.43 -16.06
C VAL A 660 -10.63 12.69 -15.53
N ASP A 661 -11.65 12.53 -14.67
CA ASP A 661 -12.40 13.68 -14.17
C ASP A 661 -11.55 14.60 -13.30
N CYS A 662 -10.55 14.02 -12.64
CA CYS A 662 -9.64 14.79 -11.80
C CYS A 662 -8.52 15.48 -12.58
N LEU A 663 -8.45 15.33 -13.91
CA LEU A 663 -7.45 16.03 -14.71
C LEU A 663 -7.78 17.52 -14.75
N SER A 664 -6.76 18.32 -15.12
CA SER A 664 -6.81 19.77 -15.02
C SER A 664 -7.68 20.37 -16.12
N ASP A 665 -8.65 21.22 -15.72
CA ASP A 665 -9.38 22.02 -16.71
C ASP A 665 -8.55 23.19 -17.23
N GLU A 666 -7.50 23.56 -16.47
CA GLU A 666 -6.75 24.76 -16.77
C GLU A 666 -5.80 24.50 -17.94
N PHE A 667 -5.20 23.31 -18.00
CA PHE A 667 -4.15 23.08 -18.98
C PHE A 667 -4.48 21.96 -19.96
N CYS A 668 -5.42 21.08 -19.64
CA CYS A 668 -5.52 19.86 -20.43
C CYS A 668 -6.91 19.69 -21.02
N LEU A 669 -7.61 20.80 -21.32
CA LEU A 669 -9.07 20.68 -21.42
C LEU A 669 -9.44 19.85 -22.65
N ASP A 670 -8.74 20.06 -23.79
CA ASP A 670 -9.06 19.35 -25.03
C ASP A 670 -8.74 17.88 -24.88
N GLU A 671 -7.58 17.57 -24.29
CA GLU A 671 -7.14 16.19 -24.12
C GLU A 671 -8.01 15.47 -23.08
N LYS A 672 -8.36 16.18 -22.01
CA LYS A 672 -9.26 15.67 -21.00
C LYS A 672 -10.62 15.28 -21.59
N ARG A 673 -11.21 16.13 -22.43
CA ARG A 673 -12.50 15.91 -23.08
C ARG A 673 -12.46 14.65 -23.94
N GLU A 674 -11.38 14.49 -24.73
CA GLU A 674 -11.19 13.31 -25.57
C GLU A 674 -11.06 12.02 -24.76
N LEU A 675 -10.29 12.03 -23.66
CA LEU A 675 -10.20 10.87 -22.79
C LEU A 675 -11.56 10.56 -22.13
N SER A 676 -12.29 11.61 -21.79
CA SER A 676 -13.60 11.48 -21.16
C SER A 676 -14.55 10.73 -22.09
N GLU A 677 -14.48 11.04 -23.39
CA GLU A 677 -15.29 10.34 -24.38
C GLU A 677 -14.95 8.85 -24.41
N LYS A 678 -13.65 8.51 -24.37
CA LYS A 678 -13.25 7.12 -24.45
C LYS A 678 -13.74 6.31 -23.25
N VAL A 679 -13.63 6.89 -22.05
CA VAL A 679 -14.06 6.16 -20.86
C VAL A 679 -15.58 6.01 -20.84
N LYS A 680 -16.34 7.01 -21.31
CA LYS A 680 -17.79 6.85 -21.45
C LYS A 680 -18.15 5.75 -22.46
N HIS A 681 -17.39 5.64 -23.55
CA HIS A 681 -17.56 4.56 -24.52
C HIS A 681 -17.30 3.20 -23.87
N ALA A 682 -16.26 3.12 -23.03
CA ALA A 682 -15.96 1.87 -22.33
C ALA A 682 -17.11 1.48 -21.40
N LYS A 683 -17.68 2.45 -20.70
CA LYS A 683 -18.81 2.23 -19.81
C LYS A 683 -20.02 1.72 -20.59
N ARG A 684 -20.30 2.32 -21.76
CA ARG A 684 -21.43 1.90 -22.57
C ARG A 684 -21.21 0.47 -23.03
N LEU A 685 -19.97 0.12 -23.30
CA LEU A 685 -19.65 -1.26 -23.66
C LEU A 685 -19.92 -2.21 -22.50
N SER A 686 -19.60 -1.76 -21.28
CA SER A 686 -19.91 -2.57 -20.09
C SER A 686 -21.41 -2.77 -19.94
N ASP A 687 -22.19 -1.71 -20.19
CA ASP A 687 -23.64 -1.79 -20.12
C ASP A 687 -24.21 -2.78 -21.14
N GLU A 688 -23.67 -2.79 -22.36
CA GLU A 688 -24.15 -3.68 -23.42
C GLU A 688 -23.85 -5.15 -23.15
N ARG A 689 -22.72 -5.46 -22.50
CA ARG A 689 -22.42 -6.86 -22.23
C ARG A 689 -23.08 -7.34 -20.94
N ASN A 690 -23.60 -6.42 -20.12
CA ASN A 690 -24.23 -6.81 -18.87
C ASN A 690 -25.62 -7.39 -19.14
N LEU A 691 -25.84 -8.65 -18.74
CA LEU A 691 -27.10 -9.33 -19.01
C LEU A 691 -28.14 -9.07 -17.92
N LEU A 692 -27.72 -8.49 -16.79
CA LEU A 692 -28.66 -8.12 -15.73
C LEU A 692 -29.58 -7.02 -16.26
N GLN A 693 -30.89 -7.17 -16.03
CA GLN A 693 -31.84 -6.09 -16.28
C GLN A 693 -31.72 -5.09 -15.13
N ASP A 694 -31.84 -3.79 -15.46
CA ASP A 694 -31.96 -2.75 -14.44
C ASP A 694 -30.76 -2.79 -13.48
N PRO A 695 -29.52 -2.77 -14.02
CA PRO A 695 -28.33 -2.92 -13.20
C PRO A 695 -28.12 -1.83 -12.15
N ASN A 696 -28.74 -0.67 -12.32
CA ASN A 696 -28.60 0.40 -11.32
C ASN A 696 -29.89 0.65 -10.54
N PHE A 697 -30.77 -0.36 -10.43
CA PHE A 697 -31.78 -0.37 -9.36
C PHE A 697 -32.77 0.78 -9.43
N ARG A 698 -33.22 1.08 -10.66
CA ARG A 698 -34.21 2.14 -10.84
C ARG A 698 -35.64 1.60 -10.72
N GLY A 699 -35.83 0.27 -10.82
CA GLY A 699 -37.16 -0.31 -10.95
C GLY A 699 -37.37 -1.60 -10.17
N ILE A 700 -36.85 -1.69 -8.93
CA ILE A 700 -37.09 -2.84 -8.07
C ILE A 700 -38.60 -2.95 -7.74
N ASN A 701 -39.18 -4.12 -8.04
CA ASN A 701 -40.59 -4.47 -7.85
C ASN A 701 -41.51 -3.75 -8.84
N ARG A 702 -40.98 -3.20 -9.95
CA ARG A 702 -41.82 -2.56 -10.94
C ARG A 702 -42.68 -3.57 -11.70
N GLN A 703 -42.11 -4.76 -11.91
CA GLN A 703 -42.74 -5.82 -12.69
C GLN A 703 -42.72 -7.15 -11.93
N PRO A 704 -43.80 -7.97 -12.09
CA PRO A 704 -43.97 -9.18 -11.29
C PRO A 704 -43.06 -10.33 -11.70
N ASP A 705 -42.63 -10.32 -12.98
CA ASP A 705 -42.07 -11.48 -13.66
C ASP A 705 -40.78 -11.12 -14.40
N ARG A 706 -40.15 -10.01 -14.00
CA ARG A 706 -39.05 -9.45 -14.78
C ARG A 706 -38.33 -8.36 -13.99
N GLY A 707 -37.03 -8.18 -14.26
CA GLY A 707 -36.16 -7.30 -13.49
C GLY A 707 -36.02 -7.75 -12.04
N TRP A 708 -35.62 -6.81 -11.16
CA TRP A 708 -35.38 -7.12 -9.77
C TRP A 708 -36.69 -7.29 -9.01
N ARG A 709 -36.70 -8.29 -8.11
CA ARG A 709 -37.66 -8.35 -7.01
C ARG A 709 -36.92 -8.28 -5.69
N GLY A 710 -37.45 -7.52 -4.73
CA GLY A 710 -36.71 -7.29 -3.50
C GLY A 710 -37.69 -7.08 -2.36
N SER A 711 -37.21 -7.37 -1.15
CA SER A 711 -38.01 -7.06 0.01
C SER A 711 -38.04 -5.54 0.21
N THR A 712 -39.06 -5.07 0.94
CA THR A 712 -39.45 -3.67 0.80
C THR A 712 -38.64 -2.71 1.69
N ASP A 713 -37.79 -3.22 2.58
CA ASP A 713 -36.99 -2.32 3.42
C ASP A 713 -35.59 -2.07 2.84
N ILE A 714 -35.33 -2.63 1.65
CA ILE A 714 -34.14 -2.29 0.90
C ILE A 714 -34.19 -0.81 0.54
N THR A 715 -33.02 -0.16 0.49
CA THR A 715 -33.00 1.25 0.09
C THR A 715 -31.95 1.44 -1.01
N ILE A 716 -32.21 2.45 -1.84
CA ILE A 716 -31.32 2.87 -2.92
C ILE A 716 -30.84 4.29 -2.69
N GLN A 717 -29.51 4.51 -2.82
CA GLN A 717 -28.92 5.84 -2.72
C GLN A 717 -28.07 6.06 -3.97
N GLY A 718 -27.87 7.33 -4.33
CA GLY A 718 -27.27 7.70 -5.60
C GLY A 718 -25.75 7.51 -5.68
N GLY A 719 -25.10 7.22 -4.55
CA GLY A 719 -23.64 7.14 -4.52
C GLY A 719 -23.14 7.46 -3.11
N ASP A 720 -21.91 7.05 -2.82
CA ASP A 720 -21.24 7.40 -1.57
C ASP A 720 -19.74 7.44 -1.85
N ASP A 721 -18.95 7.32 -0.77
CA ASP A 721 -17.50 7.34 -0.87
C ASP A 721 -16.97 6.22 -1.77
N VAL A 722 -17.68 5.09 -1.80
CA VAL A 722 -17.23 3.89 -2.52
C VAL A 722 -17.84 3.84 -3.91
N PHE A 723 -19.13 4.20 -4.01
CA PHE A 723 -19.89 4.04 -5.25
C PHE A 723 -20.16 5.37 -5.96
N LYS A 724 -20.00 5.40 -7.29
CA LYS A 724 -20.43 6.56 -8.07
C LYS A 724 -21.63 6.20 -8.94
N GLU A 725 -22.41 5.23 -8.47
CA GLU A 725 -23.61 4.71 -9.11
C GLU A 725 -24.63 4.52 -8.01
N ASN A 726 -25.91 4.36 -8.38
CA ASN A 726 -26.86 3.87 -7.41
C ASN A 726 -26.35 2.59 -6.78
N TYR A 727 -26.59 2.44 -5.47
CA TYR A 727 -26.22 1.23 -4.76
C TYR A 727 -27.35 0.86 -3.77
N VAL A 728 -27.33 -0.42 -3.40
CA VAL A 728 -28.40 -0.95 -2.55
C VAL A 728 -27.85 -1.27 -1.17
N THR A 729 -28.70 -0.96 -0.18
CA THR A 729 -28.50 -1.37 1.20
C THR A 729 -29.53 -2.44 1.51
N LEU A 730 -29.04 -3.61 1.90
CA LEU A 730 -29.85 -4.73 2.37
C LEU A 730 -29.77 -4.73 3.87
N PRO A 731 -30.89 -4.52 4.63
CA PRO A 731 -30.85 -4.68 6.08
C PRO A 731 -31.02 -6.14 6.46
N GLY A 732 -30.94 -6.37 7.79
CA GLY A 732 -31.25 -7.66 8.37
C GLY A 732 -32.76 -7.86 8.49
N THR A 733 -33.14 -8.89 9.25
CA THR A 733 -34.54 -9.27 9.40
C THR A 733 -34.78 -9.74 10.83
N VAL A 734 -36.00 -9.43 11.31
CA VAL A 734 -36.40 -9.86 12.64
C VAL A 734 -36.79 -11.33 12.65
N ASP A 735 -36.91 -11.95 11.48
CA ASP A 735 -37.40 -13.31 11.44
C ASP A 735 -36.75 -14.02 10.27
N GLU A 736 -36.13 -15.18 10.53
CA GLU A 736 -35.37 -15.93 9.54
C GLU A 736 -36.25 -16.43 8.39
N CYS A 737 -37.55 -16.63 8.69
CA CYS A 737 -38.51 -17.11 7.70
C CYS A 737 -38.95 -15.99 6.74
N TYR A 738 -38.62 -14.74 7.04
CA TYR A 738 -38.89 -13.60 6.19
C TYR A 738 -37.59 -12.87 5.91
N PRO A 739 -36.69 -13.49 5.12
CA PRO A 739 -35.37 -12.93 4.88
C PRO A 739 -35.47 -11.66 4.05
N THR A 740 -34.44 -10.81 4.21
CA THR A 740 -34.17 -9.79 3.23
C THR A 740 -33.70 -10.46 1.95
N TYR A 741 -34.21 -9.98 0.80
CA TYR A 741 -33.84 -10.61 -0.45
C TYR A 741 -33.83 -9.61 -1.59
N LEU A 742 -33.00 -9.93 -2.57
CA LEU A 742 -33.00 -9.28 -3.87
C LEU A 742 -32.65 -10.32 -4.92
N TYR A 743 -33.49 -10.46 -5.95
CA TYR A 743 -33.22 -11.48 -6.95
C TYR A 743 -33.72 -11.08 -8.32
N GLN A 744 -33.16 -11.77 -9.32
CA GLN A 744 -33.60 -11.65 -10.69
C GLN A 744 -33.36 -12.95 -11.44
N LYS A 745 -34.21 -13.23 -12.45
CA LYS A 745 -33.93 -14.33 -13.35
C LYS A 745 -33.25 -13.79 -14.61
N ILE A 746 -32.15 -14.41 -15.03
CA ILE A 746 -31.60 -14.19 -16.36
C ILE A 746 -32.36 -15.14 -17.30
N ASP A 747 -32.99 -14.57 -18.35
CA ASP A 747 -33.75 -15.37 -19.29
C ASP A 747 -32.84 -16.27 -20.13
N GLU A 748 -33.36 -17.46 -20.46
CA GLU A 748 -32.69 -18.43 -21.31
C GLU A 748 -32.28 -17.81 -22.65
N SER A 749 -33.11 -16.91 -23.18
CA SER A 749 -32.86 -16.32 -24.48
C SER A 749 -31.53 -15.55 -24.50
N LYS A 750 -31.01 -15.15 -23.35
CA LYS A 750 -29.80 -14.35 -23.29
C LYS A 750 -28.53 -15.20 -23.21
N LEU A 751 -28.69 -16.51 -23.08
CA LEU A 751 -27.61 -17.46 -22.80
C LEU A 751 -27.18 -18.19 -24.05
N LYS A 752 -25.91 -18.62 -24.00
CA LYS A 752 -25.32 -19.47 -25.01
C LYS A 752 -24.88 -20.79 -24.39
N ALA A 753 -25.01 -21.84 -25.21
CA ALA A 753 -24.70 -23.21 -24.83
C ALA A 753 -23.22 -23.36 -24.50
N TYR A 754 -22.94 -24.20 -23.48
CA TYR A 754 -21.61 -24.69 -23.15
C TYR A 754 -20.65 -23.54 -22.95
N THR A 755 -21.09 -22.62 -22.07
CA THR A 755 -20.45 -21.35 -21.82
C THR A 755 -20.49 -21.08 -20.32
N ARG A 756 -19.37 -20.50 -19.84
CA ARG A 756 -19.24 -20.05 -18.46
C ARG A 756 -19.65 -18.58 -18.38
N TYR A 757 -20.49 -18.27 -17.37
CA TYR A 757 -20.95 -16.92 -17.03
C TYR A 757 -20.35 -16.51 -15.69
N GLU A 758 -20.14 -15.20 -15.46
CA GLU A 758 -19.80 -14.75 -14.10
C GLU A 758 -20.74 -13.64 -13.64
N LEU A 759 -21.13 -13.72 -12.36
CA LEU A 759 -21.64 -12.62 -11.56
C LEU A 759 -20.50 -11.97 -10.81
N ARG A 760 -20.42 -10.64 -10.95
CA ARG A 760 -19.40 -9.87 -10.26
C ARG A 760 -20.03 -8.62 -9.68
N GLY A 761 -19.35 -8.07 -8.67
CA GLY A 761 -19.78 -6.80 -8.10
C GLY A 761 -18.84 -6.34 -7.00
N TYR A 762 -19.27 -5.27 -6.30
CA TYR A 762 -18.44 -4.61 -5.32
C TYR A 762 -19.27 -4.45 -4.05
N ILE A 763 -18.65 -4.86 -2.93
CA ILE A 763 -19.32 -4.85 -1.63
C ILE A 763 -18.62 -3.85 -0.74
N GLU A 764 -19.35 -2.80 -0.33
CA GLU A 764 -18.78 -1.83 0.57
C GLU A 764 -18.51 -2.48 1.93
N ASP A 765 -19.54 -3.17 2.45
CA ASP A 765 -19.47 -3.91 3.69
C ASP A 765 -20.59 -4.94 3.72
N SER A 766 -20.38 -6.02 4.47
CA SER A 766 -21.41 -7.03 4.55
C SER A 766 -21.18 -7.92 5.76
N GLN A 767 -22.30 -8.49 6.25
CA GLN A 767 -22.32 -9.53 7.27
C GLN A 767 -23.50 -10.45 6.99
N ASP A 768 -23.25 -11.75 6.88
CA ASP A 768 -24.27 -12.78 6.69
C ASP A 768 -24.96 -12.63 5.34
N LEU A 769 -24.23 -12.08 4.33
CA LEU A 769 -24.75 -11.95 2.98
C LEU A 769 -24.61 -13.28 2.26
N GLU A 770 -25.74 -13.85 1.86
CA GLU A 770 -25.74 -15.08 1.08
C GLU A 770 -25.97 -14.76 -0.39
N ILE A 771 -25.14 -15.38 -1.26
CA ILE A 771 -25.26 -15.21 -2.68
C ILE A 771 -25.49 -16.57 -3.31
N TYR A 772 -26.49 -16.66 -4.20
CA TYR A 772 -26.77 -17.88 -4.93
C TYR A 772 -26.78 -17.60 -6.44
N LEU A 773 -26.25 -18.59 -7.19
CA LEU A 773 -26.51 -18.74 -8.62
C LEU A 773 -27.10 -20.12 -8.85
N ILE A 774 -28.23 -20.20 -9.54
CA ILE A 774 -28.95 -21.46 -9.62
C ILE A 774 -29.24 -21.77 -11.09
N ARG A 775 -28.89 -22.96 -11.55
CA ARG A 775 -29.38 -23.46 -12.81
C ARG A 775 -29.79 -24.92 -12.62
N TYR A 776 -28.83 -25.83 -12.75
CA TYR A 776 -29.03 -27.25 -12.50
C TYR A 776 -29.04 -27.55 -11.00
N ASN A 777 -28.13 -26.88 -10.28
CA ASN A 777 -28.11 -26.92 -8.82
C ASN A 777 -27.81 -25.50 -8.33
N ALA A 778 -27.77 -25.36 -7.01
CA ALA A 778 -27.51 -24.08 -6.36
C ALA A 778 -26.03 -24.00 -5.96
N LYS A 779 -25.39 -22.91 -6.37
CA LYS A 779 -24.07 -22.54 -5.91
C LYS A 779 -24.27 -21.39 -4.93
N HIS A 780 -23.74 -21.56 -3.71
CA HIS A 780 -24.06 -20.71 -2.56
C HIS A 780 -22.79 -20.34 -1.81
N GLU A 781 -22.65 -19.06 -1.47
CA GLU A 781 -21.54 -18.59 -0.64
C GLU A 781 -22.08 -17.63 0.39
N ILE A 782 -21.38 -17.51 1.51
CA ILE A 782 -21.67 -16.52 2.54
C ILE A 782 -20.49 -15.55 2.58
N VAL A 783 -20.80 -14.26 2.39
CA VAL A 783 -19.79 -13.25 2.18
C VAL A 783 -19.84 -12.20 3.30
N ASN A 784 -18.78 -12.18 4.13
CA ASN A 784 -18.55 -11.23 5.21
C ASN A 784 -17.39 -10.29 4.89
N VAL A 785 -17.71 -9.03 4.56
CA VAL A 785 -16.70 -8.06 4.15
C VAL A 785 -16.64 -6.96 5.19
N PRO A 786 -15.50 -6.85 5.91
CA PRO A 786 -15.35 -5.81 6.91
C PRO A 786 -15.26 -4.46 6.21
N GLY A 787 -15.70 -3.44 6.91
CA GLY A 787 -15.56 -2.09 6.41
C GLY A 787 -14.11 -1.64 6.33
N THR A 788 -13.86 -0.65 5.47
CA THR A 788 -12.54 -0.05 5.34
C THR A 788 -12.64 1.39 5.85
N GLY A 789 -11.50 1.95 6.27
CA GLY A 789 -11.42 3.32 6.74
C GLY A 789 -11.23 4.33 5.60
N SER A 790 -11.77 5.55 5.75
CA SER A 790 -11.60 6.64 4.80
C SER A 790 -11.25 7.98 5.45
N LEU A 791 -11.69 8.21 6.70
CA LEU A 791 -11.53 9.50 7.36
C LEU A 791 -10.24 9.53 8.17
N TRP A 792 -9.95 8.43 8.87
CA TRP A 792 -8.81 8.34 9.78
C TRP A 792 -7.48 8.41 9.04
N PRO A 793 -7.23 7.54 8.03
CA PRO A 793 -5.98 7.59 7.27
C PRO A 793 -5.51 9.04 7.12
N LEU A 794 -4.36 9.35 7.70
CA LEU A 794 -3.80 10.71 7.66
C LEU A 794 -3.90 11.24 6.23
N SER A 795 -4.63 12.34 6.05
CA SER A 795 -4.99 12.79 4.72
C SER A 795 -4.15 14.00 4.31
N ALA A 796 -3.43 13.89 3.18
CA ALA A 796 -2.82 15.06 2.55
C ALA A 796 -3.89 15.82 1.76
N GLN A 797 -4.89 15.08 1.31
CA GLN A 797 -6.05 15.63 0.63
C GLN A 797 -7.28 15.10 1.37
N SER A 798 -8.35 15.90 1.46
CA SER A 798 -9.52 15.50 2.23
C SER A 798 -10.41 14.56 1.42
N PRO A 799 -10.96 13.47 2.03
CA PRO A 799 -11.90 12.56 1.35
C PRO A 799 -13.34 13.06 1.21
N ILE A 800 -13.69 14.04 2.07
CA ILE A 800 -14.98 14.70 2.05
C ILE A 800 -14.79 16.13 1.58
N GLY A 801 -15.69 16.60 0.71
CA GLY A 801 -15.55 17.90 0.11
C GLY A 801 -16.60 18.89 0.64
N LYS A 802 -16.79 19.94 -0.16
CA LYS A 802 -17.95 20.83 -0.06
C LYS A 802 -19.25 20.02 0.02
N CYS A 803 -20.09 20.36 1.00
CA CYS A 803 -21.43 19.79 1.17
C CYS A 803 -21.35 18.31 1.50
N GLY A 804 -20.16 17.82 1.86
CA GLY A 804 -19.99 16.43 2.25
C GLY A 804 -19.99 15.45 1.07
N GLU A 805 -19.92 15.98 -0.16
CA GLU A 805 -19.76 15.15 -1.35
C GLU A 805 -18.43 14.41 -1.29
N PRO A 806 -18.33 13.17 -1.81
CA PRO A 806 -17.05 12.50 -1.91
C PRO A 806 -16.09 13.26 -2.82
N ASN A 807 -14.83 13.28 -2.42
CA ASN A 807 -13.75 13.79 -3.25
C ASN A 807 -13.20 12.62 -4.05
N ARG A 808 -13.54 12.56 -5.35
CA ARG A 808 -13.21 11.42 -6.19
C ARG A 808 -11.73 11.42 -6.53
N CYS A 809 -11.01 12.52 -6.23
CA CYS A 809 -9.61 12.71 -6.57
C CYS A 809 -8.69 12.32 -5.41
N ALA A 810 -9.25 11.97 -4.24
CA ALA A 810 -8.45 11.53 -3.11
C ALA A 810 -8.12 10.04 -3.27
N PRO A 811 -6.91 9.59 -2.86
CA PRO A 811 -6.43 8.24 -3.18
C PRO A 811 -7.44 7.09 -3.12
N LYS A 828 -9.53 -14.86 9.95
CA LYS A 828 -8.87 -15.69 8.91
C LYS A 828 -9.86 -16.17 7.85
N CYS A 829 -11.18 -16.11 8.14
CA CYS A 829 -12.21 -16.54 7.21
C CYS A 829 -12.98 -15.35 6.62
N ALA A 830 -12.58 -14.12 6.97
CA ALA A 830 -13.25 -12.93 6.47
C ALA A 830 -12.86 -12.66 5.01
N HIS A 831 -13.86 -12.27 4.23
CA HIS A 831 -13.72 -11.98 2.81
C HIS A 831 -13.18 -10.56 2.65
N HIS A 832 -11.93 -10.37 3.10
CA HIS A 832 -11.26 -9.07 3.05
C HIS A 832 -11.47 -8.31 1.73
N SER A 833 -11.52 -9.02 0.59
CA SER A 833 -11.77 -8.39 -0.70
C SER A 833 -13.19 -7.85 -0.82
N HIS A 834 -13.26 -6.61 -1.31
CA HIS A 834 -14.54 -5.97 -1.59
C HIS A 834 -15.11 -6.43 -2.92
N HIS A 835 -14.25 -6.93 -3.83
CA HIS A 835 -14.71 -7.53 -5.06
C HIS A 835 -15.17 -8.94 -4.81
N PHE A 836 -16.21 -9.34 -5.52
CA PHE A 836 -16.62 -10.73 -5.53
C PHE A 836 -16.89 -11.17 -6.95
N THR A 837 -16.69 -12.47 -7.17
CA THR A 837 -17.00 -13.13 -8.43
C THR A 837 -17.54 -14.51 -8.12
N LEU A 838 -18.57 -14.94 -8.85
CA LEU A 838 -19.12 -16.29 -8.74
C LEU A 838 -19.49 -16.70 -10.14
N ASP A 839 -19.08 -17.89 -10.58
CA ASP A 839 -19.40 -18.29 -11.93
C ASP A 839 -20.42 -19.42 -11.97
N ILE A 840 -21.00 -19.60 -13.15
CA ILE A 840 -21.95 -20.70 -13.41
C ILE A 840 -21.86 -21.13 -14.87
N ASP A 841 -21.96 -22.47 -15.06
CA ASP A 841 -21.75 -23.12 -16.33
C ASP A 841 -23.11 -23.50 -16.91
N VAL A 842 -23.33 -23.10 -18.17
CA VAL A 842 -24.53 -23.42 -18.92
C VAL A 842 -24.20 -24.55 -19.88
N GLY A 843 -25.06 -25.56 -19.87
CA GLY A 843 -24.97 -26.66 -20.81
C GLY A 843 -25.78 -26.32 -22.07
N CYS A 844 -26.65 -27.24 -22.49
N CYS A 844 -26.67 -27.24 -22.46
CA CYS A 844 -27.56 -26.96 -23.59
CA CYS A 844 -27.57 -27.03 -23.58
C CYS A 844 -28.49 -25.82 -23.18
C CYS A 844 -28.62 -25.97 -23.22
N THR A 845 -28.99 -25.10 -24.19
CA THR A 845 -30.07 -24.14 -23.94
C THR A 845 -31.36 -24.65 -24.59
N ASP A 846 -32.46 -24.27 -23.95
CA ASP A 846 -33.79 -24.73 -24.35
C ASP A 846 -34.82 -23.68 -23.97
N LEU A 847 -35.40 -23.00 -24.95
CA LEU A 847 -36.32 -21.89 -24.69
C LEU A 847 -37.66 -22.40 -24.17
N ASN A 848 -38.00 -23.66 -24.47
CA ASN A 848 -39.24 -24.24 -23.98
C ASN A 848 -39.17 -24.44 -22.47
N GLU A 849 -38.05 -24.97 -21.99
CA GLU A 849 -37.86 -25.18 -20.56
C GLU A 849 -37.55 -23.87 -19.84
N ASP A 850 -36.75 -22.99 -20.46
CA ASP A 850 -36.46 -21.68 -19.88
C ASP A 850 -36.05 -21.82 -18.42
N LEU A 851 -35.04 -22.67 -18.19
CA LEU A 851 -34.40 -22.77 -16.89
C LEU A 851 -33.82 -21.44 -16.46
N GLY A 852 -33.05 -20.84 -17.38
CA GLY A 852 -32.35 -19.60 -17.09
C GLY A 852 -31.29 -19.75 -16.00
N VAL A 853 -31.01 -18.62 -15.33
CA VAL A 853 -30.14 -18.58 -14.17
C VAL A 853 -30.78 -17.65 -13.15
N TRP A 854 -30.94 -18.14 -11.92
CA TRP A 854 -31.40 -17.30 -10.82
C TRP A 854 -30.18 -16.66 -10.13
N VAL A 855 -30.29 -15.35 -9.93
CA VAL A 855 -29.37 -14.57 -9.12
C VAL A 855 -30.11 -14.13 -7.86
N ILE A 856 -29.59 -14.56 -6.69
CA ILE A 856 -30.25 -14.30 -5.41
C ILE A 856 -29.23 -13.79 -4.38
N PHE A 857 -29.60 -12.66 -3.74
CA PHE A 857 -28.96 -12.19 -2.52
C PHE A 857 -29.95 -12.27 -1.37
N LYS A 858 -29.52 -12.84 -0.24
CA LYS A 858 -30.41 -13.09 0.89
C LYS A 858 -29.66 -12.82 2.20
N ILE A 859 -30.38 -12.21 3.15
CA ILE A 859 -29.90 -12.13 4.51
C ILE A 859 -31.00 -12.63 5.44
N LYS A 860 -30.64 -13.56 6.33
CA LYS A 860 -31.61 -14.20 7.21
C LYS A 860 -31.43 -13.88 8.69
N THR A 861 -30.42 -13.05 9.01
CA THR A 861 -30.07 -12.79 10.39
C THR A 861 -30.53 -11.40 10.80
N GLN A 862 -30.61 -11.19 12.12
CA GLN A 862 -31.05 -9.91 12.66
C GLN A 862 -30.01 -8.84 12.36
N ASP A 863 -28.73 -9.22 12.49
CA ASP A 863 -27.61 -8.29 12.51
C ASP A 863 -26.88 -8.26 11.17
N GLY A 864 -27.36 -9.06 10.21
CA GLY A 864 -26.78 -9.07 8.86
C GLY A 864 -27.08 -7.77 8.13
N HIS A 865 -26.24 -7.46 7.12
CA HIS A 865 -26.34 -6.23 6.36
C HIS A 865 -25.45 -6.32 5.14
N ALA A 866 -25.76 -5.55 4.10
CA ALA A 866 -24.87 -5.46 2.96
C ALA A 866 -25.11 -4.15 2.22
N ARG A 867 -24.01 -3.60 1.68
CA ARG A 867 -24.10 -2.50 0.74
C ARG A 867 -23.34 -2.91 -0.50
N LEU A 868 -24.07 -2.92 -1.64
CA LEU A 868 -23.45 -3.36 -2.87
C LEU A 868 -23.91 -2.63 -4.12
N GLY A 869 -23.04 -2.75 -5.11
CA GLY A 869 -23.21 -2.09 -6.39
C GLY A 869 -22.25 -2.61 -7.45
N ASN A 870 -22.28 -1.91 -8.58
CA ASN A 870 -21.55 -2.29 -9.77
C ASN A 870 -21.72 -3.78 -10.08
N LEU A 871 -22.98 -4.28 -10.01
CA LEU A 871 -23.28 -5.67 -10.36
C LEU A 871 -23.24 -5.88 -11.87
N GLU A 872 -22.70 -7.03 -12.27
CA GLU A 872 -22.73 -7.43 -13.67
C GLU A 872 -22.87 -8.94 -13.77
N PHE A 873 -23.53 -9.37 -14.86
CA PHE A 873 -23.61 -10.78 -15.21
C PHE A 873 -23.20 -10.90 -16.68
N LEU A 874 -22.10 -11.60 -16.93
CA LEU A 874 -21.51 -11.54 -18.25
C LEU A 874 -20.97 -12.89 -18.69
N GLU A 875 -20.91 -13.01 -20.02
CA GLU A 875 -20.27 -14.16 -20.66
C GLU A 875 -18.76 -14.10 -20.40
N GLU A 876 -18.17 -15.21 -19.92
CA GLU A 876 -16.74 -15.28 -19.66
C GLU A 876 -15.98 -16.01 -20.77
N LYS A 877 -16.35 -17.28 -21.00
CA LYS A 877 -15.60 -18.10 -21.92
C LYS A 877 -16.34 -19.39 -22.22
N PRO A 878 -16.00 -19.98 -23.39
CA PRO A 878 -16.53 -21.29 -23.79
C PRO A 878 -15.93 -22.33 -22.85
N LEU A 879 -16.70 -23.40 -22.64
CA LEU A 879 -16.23 -24.51 -21.85
C LEU A 879 -15.42 -25.51 -22.67
N LEU A 880 -14.32 -25.95 -22.04
CA LEU A 880 -13.46 -27.02 -22.51
C LEU A 880 -13.08 -27.93 -21.35
N GLY A 881 -12.70 -29.17 -21.69
CA GLY A 881 -12.05 -30.02 -20.72
C GLY A 881 -13.02 -30.43 -19.60
N GLU A 882 -12.50 -30.46 -18.36
CA GLU A 882 -13.28 -31.00 -17.25
C GLU A 882 -14.54 -30.18 -16.99
N ALA A 883 -14.45 -28.85 -17.19
CA ALA A 883 -15.60 -27.98 -16.94
C ALA A 883 -16.75 -28.38 -17.85
N LEU A 884 -16.39 -28.70 -19.11
CA LEU A 884 -17.37 -29.13 -20.10
C LEU A 884 -17.95 -30.49 -19.72
N ALA A 885 -17.07 -31.44 -19.37
CA ALA A 885 -17.53 -32.75 -18.95
C ALA A 885 -18.48 -32.63 -17.75
N ARG A 886 -18.11 -31.77 -16.80
CA ARG A 886 -18.89 -31.60 -15.58
C ARG A 886 -20.28 -31.04 -15.85
N VAL A 887 -20.40 -30.06 -16.77
CA VAL A 887 -21.71 -29.46 -17.01
C VAL A 887 -22.58 -30.49 -17.73
N LYS A 888 -21.96 -31.33 -18.60
CA LYS A 888 -22.72 -32.40 -19.25
C LYS A 888 -23.26 -33.39 -18.22
N ARG A 889 -22.47 -33.74 -17.21
CA ARG A 889 -22.95 -34.62 -16.14
C ARG A 889 -24.05 -33.92 -15.33
N ALA A 890 -23.86 -32.63 -15.04
CA ALA A 890 -24.83 -31.90 -14.21
C ALA A 890 -26.19 -31.77 -14.93
N GLU A 891 -26.17 -31.51 -16.26
CA GLU A 891 -27.42 -31.36 -17.00
C GLU A 891 -28.14 -32.72 -17.07
N LYS A 892 -27.38 -33.79 -17.31
CA LYS A 892 -27.95 -35.14 -17.34
C LYS A 892 -28.64 -35.47 -16.00
N LYS A 893 -27.95 -35.16 -14.88
CA LYS A 893 -28.47 -35.47 -13.56
C LYS A 893 -29.73 -34.66 -13.31
N TRP A 894 -29.72 -33.38 -13.73
CA TRP A 894 -30.88 -32.50 -13.55
C TRP A 894 -32.09 -33.05 -14.32
N ARG A 895 -31.89 -33.55 -15.56
CA ARG A 895 -32.97 -34.10 -16.37
C ARG A 895 -33.51 -35.38 -15.74
N ASP A 896 -32.59 -36.25 -15.28
CA ASP A 896 -32.98 -37.52 -14.70
C ASP A 896 -33.84 -37.28 -13.46
N LYS A 897 -33.44 -36.30 -12.63
CA LYS A 897 -34.20 -35.97 -11.41
C LYS A 897 -35.55 -35.32 -11.72
N ARG A 898 -35.60 -34.46 -12.75
CA ARG A 898 -36.86 -33.87 -13.21
C ARG A 898 -37.85 -34.94 -13.69
N GLU A 899 -37.34 -35.93 -14.41
CA GLU A 899 -38.19 -37.01 -14.89
C GLU A 899 -38.76 -37.80 -13.71
N LYS A 900 -37.93 -38.09 -12.72
CA LYS A 900 -38.39 -38.83 -11.55
C LYS A 900 -39.42 -38.02 -10.77
N LEU A 901 -39.18 -36.71 -10.66
CA LEU A 901 -40.13 -35.83 -9.98
C LEU A 901 -41.49 -35.82 -10.68
N GLN A 902 -41.49 -35.78 -12.02
CA GLN A 902 -42.72 -35.80 -12.81
C GLN A 902 -43.55 -37.06 -12.53
N LEU A 903 -42.90 -38.24 -12.53
CA LEU A 903 -43.59 -39.50 -12.25
C LEU A 903 -44.20 -39.51 -10.85
N GLU A 904 -43.43 -39.09 -9.84
CA GLU A 904 -43.91 -39.03 -8.47
C GLU A 904 -45.06 -38.03 -8.37
N THR A 905 -44.91 -36.88 -9.03
CA THR A 905 -45.89 -35.82 -8.95
C THR A 905 -47.24 -36.28 -9.51
N ASN A 906 -47.22 -37.10 -10.59
CA ASN A 906 -48.46 -37.59 -11.19
C ASN A 906 -49.28 -38.37 -10.17
N ILE A 907 -48.58 -39.14 -9.33
CA ILE A 907 -49.23 -39.99 -8.34
C ILE A 907 -49.75 -39.18 -7.15
N VAL A 908 -48.84 -38.36 -6.62
CA VAL A 908 -49.13 -37.50 -5.48
C VAL A 908 -50.26 -36.53 -5.80
N TYR A 909 -50.25 -35.97 -7.01
CA TYR A 909 -51.25 -34.99 -7.38
C TYR A 909 -52.62 -35.66 -7.43
N LYS A 910 -52.70 -36.83 -8.08
CA LYS A 910 -53.98 -37.51 -8.21
C LYS A 910 -54.53 -37.87 -6.83
N GLU A 911 -53.66 -38.31 -5.92
CA GLU A 911 -54.13 -38.68 -4.58
C GLU A 911 -54.67 -37.46 -3.87
N ALA A 912 -53.95 -36.34 -3.96
CA ALA A 912 -54.35 -35.09 -3.31
C ALA A 912 -55.67 -34.57 -3.88
N LYS A 913 -55.78 -34.56 -5.22
CA LYS A 913 -56.98 -34.05 -5.89
C LYS A 913 -58.23 -34.82 -5.47
N GLU A 914 -58.11 -36.15 -5.45
CA GLU A 914 -59.25 -37.01 -5.14
C GLU A 914 -59.71 -36.78 -3.70
N SER A 915 -58.74 -36.56 -2.82
CA SER A 915 -58.98 -36.32 -1.41
C SER A 915 -59.62 -34.94 -1.19
N VAL A 916 -59.16 -33.93 -1.94
CA VAL A 916 -59.78 -32.61 -1.90
C VAL A 916 -61.19 -32.65 -2.50
N ASP A 917 -61.36 -33.30 -3.66
CA ASP A 917 -62.67 -33.35 -4.32
C ASP A 917 -63.72 -33.99 -3.41
N ALA A 918 -63.32 -35.00 -2.64
CA ALA A 918 -64.24 -35.73 -1.79
C ALA A 918 -64.83 -34.87 -0.66
N LEU A 919 -64.22 -33.72 -0.34
CA LEU A 919 -64.71 -32.84 0.72
C LEU A 919 -66.02 -32.15 0.33
N PHE A 920 -66.19 -32.00 -1.00
CA PHE A 920 -67.23 -31.19 -1.59
C PHE A 920 -68.32 -32.07 -2.22
N VAL A 921 -69.50 -31.45 -2.38
CA VAL A 921 -70.63 -32.09 -3.01
C VAL A 921 -70.33 -32.35 -4.50
N ASN A 922 -69.70 -31.40 -5.18
CA ASN A 922 -69.43 -31.54 -6.61
C ASN A 922 -68.28 -30.61 -6.98
N SER A 923 -67.99 -30.54 -8.29
CA SER A 923 -66.78 -29.93 -8.80
C SER A 923 -66.95 -28.43 -9.04
N GLN A 924 -68.05 -27.83 -8.55
CA GLN A 924 -68.17 -26.38 -8.47
C GLN A 924 -67.52 -25.84 -7.19
N TYR A 925 -67.17 -26.73 -6.24
CA TYR A 925 -66.43 -26.36 -5.04
C TYR A 925 -67.16 -25.24 -4.28
N ASP A 926 -68.49 -25.33 -4.18
CA ASP A 926 -69.25 -24.27 -3.52
C ASP A 926 -69.99 -24.78 -2.30
N ARG A 927 -69.89 -26.09 -1.99
CA ARG A 927 -70.62 -26.65 -0.86
C ARG A 927 -69.92 -27.89 -0.32
N LEU A 928 -69.69 -27.91 0.99
CA LEU A 928 -69.13 -29.07 1.66
C LEU A 928 -70.20 -30.15 1.74
N GLN A 929 -69.75 -31.39 1.77
CA GLN A 929 -70.60 -32.48 2.18
C GLN A 929 -70.90 -32.35 3.66
N VAL A 930 -72.11 -32.79 4.07
CA VAL A 930 -72.49 -32.66 5.46
C VAL A 930 -71.53 -33.44 6.36
N ASP A 931 -71.01 -34.55 5.82
N ASP A 931 -71.03 -34.58 5.88
CA ASP A 931 -70.19 -35.49 6.55
CA ASP A 931 -70.18 -35.43 6.71
C ASP A 931 -68.72 -35.04 6.59
C ASP A 931 -68.72 -35.02 6.63
N THR A 932 -68.40 -33.95 5.89
CA THR A 932 -67.06 -33.39 5.94
C THR A 932 -66.81 -32.74 7.30
N ASN A 933 -65.80 -33.25 8.00
CA ASN A 933 -65.35 -32.65 9.25
C ASN A 933 -63.99 -32.00 9.08
N ILE A 934 -63.59 -31.26 10.13
CA ILE A 934 -62.39 -30.43 10.03
C ILE A 934 -61.16 -31.30 9.84
N ALA A 935 -61.11 -32.45 10.51
CA ALA A 935 -59.97 -33.36 10.43
C ALA A 935 -59.77 -33.87 8.99
N MET A 936 -60.88 -34.13 8.27
CA MET A 936 -60.78 -34.54 6.88
C MET A 936 -60.20 -33.43 6.00
N ILE A 937 -60.53 -32.17 6.33
CA ILE A 937 -59.94 -31.06 5.59
C ILE A 937 -58.43 -31.02 5.83
N HIS A 938 -58.02 -31.08 7.10
CA HIS A 938 -56.59 -31.10 7.40
C HIS A 938 -55.86 -32.29 6.78
N ALA A 939 -56.54 -33.44 6.70
CA ALA A 939 -55.90 -34.63 6.13
C ALA A 939 -55.72 -34.46 4.61
N ALA A 940 -56.73 -33.89 3.94
CA ALA A 940 -56.58 -33.57 2.53
C ALA A 940 -55.41 -32.60 2.34
N ASP A 941 -55.37 -31.59 3.21
CA ASP A 941 -54.28 -30.61 3.16
C ASP A 941 -52.92 -31.27 3.28
N LYS A 942 -52.78 -32.25 4.18
CA LYS A 942 -51.49 -32.93 4.34
C LYS A 942 -51.07 -33.61 3.03
N ARG A 943 -52.05 -34.15 2.27
CA ARG A 943 -51.77 -34.72 0.96
C ARG A 943 -51.33 -33.66 -0.04
N VAL A 944 -51.94 -32.47 0.00
CA VAL A 944 -51.54 -31.40 -0.92
C VAL A 944 -50.08 -30.98 -0.69
N HIS A 945 -49.69 -30.87 0.59
CA HIS A 945 -48.33 -30.44 0.94
C HIS A 945 -47.26 -31.50 0.66
N ARG A 946 -47.64 -32.71 0.24
CA ARG A 946 -46.68 -33.73 -0.21
C ARG A 946 -46.09 -33.37 -1.57
N ILE A 947 -46.76 -32.48 -2.31
CA ILE A 947 -46.21 -32.04 -3.58
C ILE A 947 -44.85 -31.36 -3.36
N ARG A 948 -43.82 -31.80 -4.11
CA ARG A 948 -42.49 -31.25 -3.91
C ARG A 948 -42.20 -30.18 -4.96
N GLU A 949 -41.21 -29.32 -4.64
CA GLU A 949 -40.72 -28.28 -5.53
C GLU A 949 -41.85 -27.36 -5.97
N ALA A 950 -42.75 -26.99 -5.03
CA ALA A 950 -43.71 -25.94 -5.31
C ALA A 950 -43.04 -24.57 -5.29
N TYR A 951 -42.04 -24.43 -4.43
CA TYR A 951 -41.27 -23.21 -4.28
C TYR A 951 -39.80 -23.60 -4.13
N LEU A 952 -38.90 -22.66 -4.44
CA LEU A 952 -37.47 -22.95 -4.33
C LEU A 952 -37.09 -23.03 -2.86
N PRO A 953 -36.32 -24.07 -2.46
CA PRO A 953 -35.85 -24.15 -1.09
C PRO A 953 -34.96 -22.98 -0.67
N GLU A 954 -34.21 -22.43 -1.63
CA GLU A 954 -33.25 -21.36 -1.36
C GLU A 954 -33.97 -20.07 -0.99
N LEU A 955 -35.16 -19.84 -1.54
CA LEU A 955 -35.92 -18.62 -1.28
C LEU A 955 -37.37 -18.93 -1.65
N SER A 956 -38.21 -19.08 -0.64
CA SER A 956 -39.47 -19.76 -0.85
C SER A 956 -40.51 -18.87 -1.52
N VAL A 957 -40.20 -17.59 -1.75
CA VAL A 957 -41.12 -16.74 -2.50
C VAL A 957 -40.98 -17.01 -3.99
N ILE A 958 -39.95 -17.73 -4.44
CA ILE A 958 -39.79 -18.01 -5.85
C ILE A 958 -40.50 -19.31 -6.23
N PRO A 959 -41.45 -19.30 -7.20
CA PRO A 959 -42.14 -20.51 -7.63
C PRO A 959 -41.18 -21.51 -8.22
N GLY A 960 -41.42 -22.78 -7.89
CA GLY A 960 -40.75 -23.91 -8.55
C GLY A 960 -41.65 -24.53 -9.60
N VAL A 961 -41.26 -25.70 -10.08
CA VAL A 961 -41.95 -26.25 -11.25
C VAL A 961 -43.39 -26.66 -10.94
N ASN A 962 -43.67 -26.97 -9.68
CA ASN A 962 -44.98 -27.51 -9.29
C ASN A 962 -45.82 -26.43 -8.56
N ALA A 963 -45.50 -25.14 -8.73
CA ALA A 963 -46.24 -24.10 -8.04
C ALA A 963 -47.72 -24.13 -8.43
N ALA A 964 -48.01 -24.24 -9.74
CA ALA A 964 -49.37 -24.03 -10.21
C ALA A 964 -50.32 -25.09 -9.62
N ILE A 965 -49.89 -26.37 -9.61
CA ILE A 965 -50.75 -27.43 -9.08
C ILE A 965 -50.85 -27.37 -7.56
N PHE A 966 -49.78 -26.95 -6.87
CA PHE A 966 -49.88 -26.74 -5.43
C PHE A 966 -50.90 -25.63 -5.13
N GLU A 967 -50.79 -24.49 -5.83
CA GLU A 967 -51.67 -23.36 -5.55
C GLU A 967 -53.15 -23.65 -5.84
N GLU A 968 -53.43 -24.41 -6.92
CA GLU A 968 -54.79 -24.84 -7.24
C GLU A 968 -55.43 -25.55 -6.04
N LEU A 969 -54.71 -26.55 -5.52
CA LEU A 969 -55.28 -27.43 -4.50
C LEU A 969 -55.36 -26.73 -3.15
N GLU A 970 -54.28 -26.02 -2.80
CA GLU A 970 -54.25 -25.18 -1.60
C GLU A 970 -55.43 -24.20 -1.61
N GLY A 971 -55.71 -23.59 -2.78
CA GLY A 971 -56.87 -22.72 -2.94
C GLY A 971 -58.20 -23.40 -2.56
N ARG A 972 -58.34 -24.68 -2.95
CA ARG A 972 -59.55 -25.44 -2.64
C ARG A 972 -59.61 -25.76 -1.15
N ILE A 973 -58.44 -26.05 -0.54
CA ILE A 973 -58.36 -26.23 0.92
C ILE A 973 -58.90 -24.98 1.61
N PHE A 974 -58.46 -23.81 1.14
CA PHE A 974 -58.84 -22.56 1.77
C PHE A 974 -60.33 -22.31 1.54
N THR A 975 -60.84 -22.72 0.37
CA THR A 975 -62.29 -22.66 0.16
C THR A 975 -63.02 -23.55 1.18
N ALA A 976 -62.54 -24.77 1.38
CA ALA A 976 -63.16 -25.66 2.36
C ALA A 976 -63.19 -25.04 3.77
N TYR A 977 -62.07 -24.43 4.22
CA TYR A 977 -62.03 -23.80 5.54
C TYR A 977 -63.08 -22.69 5.66
N SER A 978 -63.19 -21.86 4.60
CA SER A 978 -64.11 -20.73 4.55
C SER A 978 -65.58 -21.19 4.62
N LEU A 979 -65.91 -22.24 3.86
CA LEU A 979 -67.25 -22.85 3.92
C LEU A 979 -67.56 -23.45 5.30
N TYR A 980 -66.54 -24.09 5.90
CA TYR A 980 -66.70 -24.72 7.20
C TYR A 980 -67.10 -23.67 8.25
N ASP A 981 -66.35 -22.55 8.26
CA ASP A 981 -66.66 -21.42 9.13
C ASP A 981 -68.09 -20.90 8.91
N ALA A 982 -68.50 -20.77 7.64
CA ALA A 982 -69.80 -20.20 7.31
C ALA A 982 -70.95 -21.10 7.79
N ARG A 983 -70.74 -22.42 7.75
CA ARG A 983 -71.78 -23.40 8.06
C ARG A 983 -72.01 -23.54 9.56
N ASN A 984 -70.95 -23.32 10.33
CA ASN A 984 -70.94 -23.62 11.75
C ASN A 984 -71.79 -22.58 12.48
N VAL A 985 -72.79 -23.05 13.26
CA VAL A 985 -73.64 -22.17 14.01
C VAL A 985 -72.92 -21.65 15.26
N ILE A 986 -71.91 -22.38 15.74
CA ILE A 986 -71.08 -21.88 16.82
C ILE A 986 -70.12 -20.81 16.31
N LYS A 987 -70.09 -19.67 17.01
CA LYS A 987 -69.16 -18.60 16.70
C LYS A 987 -67.75 -19.01 17.12
N ASN A 988 -66.80 -18.86 16.18
CA ASN A 988 -65.40 -19.09 16.44
C ASN A 988 -65.22 -20.50 16.96
N GLY A 989 -65.94 -21.45 16.33
CA GLY A 989 -65.93 -22.85 16.76
C GLY A 989 -64.61 -23.58 16.48
N ASP A 990 -63.79 -23.02 15.57
CA ASP A 990 -62.53 -23.64 15.18
C ASP A 990 -61.35 -22.98 15.93
N PHE A 991 -61.65 -21.98 16.79
CA PHE A 991 -60.66 -21.22 17.58
C PHE A 991 -59.64 -20.47 16.72
N ASN A 992 -60.00 -20.13 15.48
CA ASN A 992 -59.09 -19.35 14.63
C ASN A 992 -59.01 -17.90 15.05
N ASN A 993 -60.00 -17.43 15.83
CA ASN A 993 -60.01 -16.07 16.36
C ASN A 993 -59.65 -16.09 17.86
N GLY A 994 -58.84 -17.06 18.31
CA GLY A 994 -58.49 -17.16 19.72
C GLY A 994 -59.71 -17.55 20.55
N LEU A 995 -59.94 -16.84 21.66
CA LEU A 995 -61.00 -17.17 22.60
C LEU A 995 -62.24 -16.27 22.42
N LEU A 996 -62.23 -15.41 21.39
CA LEU A 996 -63.35 -14.51 21.18
C LEU A 996 -64.63 -15.33 21.00
N CYS A 997 -65.70 -14.78 21.59
CA CYS A 997 -67.05 -15.34 21.56
C CYS A 997 -67.23 -16.49 22.54
N TRP A 998 -66.18 -16.90 23.28
CA TRP A 998 -66.28 -17.92 24.32
C TRP A 998 -66.20 -17.27 25.70
N ASN A 999 -66.94 -17.85 26.65
CA ASN A 999 -66.83 -17.44 28.05
C ASN A 999 -65.83 -18.39 28.71
N VAL A 1000 -64.81 -17.82 29.33
CA VAL A 1000 -63.73 -18.60 29.91
C VAL A 1000 -63.72 -18.45 31.42
N LYS A 1001 -63.63 -19.58 32.11
CA LYS A 1001 -63.30 -19.63 33.54
C LYS A 1001 -62.04 -20.48 33.73
N GLY A 1002 -61.12 -19.97 34.57
CA GLY A 1002 -59.84 -20.61 34.80
C GLY A 1002 -58.87 -20.28 33.68
N HIS A 1003 -57.82 -21.08 33.55
CA HIS A 1003 -56.69 -20.82 32.67
C HIS A 1003 -56.72 -21.76 31.47
N VAL A 1004 -56.85 -21.17 30.27
CA VAL A 1004 -56.75 -21.90 29.02
C VAL A 1004 -55.85 -21.12 28.05
N ASP A 1005 -55.47 -21.79 26.95
CA ASP A 1005 -54.58 -21.23 25.96
C ASP A 1005 -55.03 -21.67 24.57
N VAL A 1006 -54.74 -20.84 23.56
CA VAL A 1006 -54.99 -21.18 22.18
C VAL A 1006 -53.63 -21.21 21.49
N GLU A 1007 -53.36 -22.30 20.73
CA GLU A 1007 -52.06 -22.53 20.12
C GLU A 1007 -52.17 -22.89 18.65
N GLU A 1008 -51.10 -22.58 17.89
CA GLU A 1008 -51.08 -22.92 16.48
C GLU A 1008 -50.43 -24.28 16.28
N GLN A 1009 -50.85 -24.98 15.23
CA GLN A 1009 -50.22 -26.19 14.79
C GLN A 1009 -50.17 -26.24 13.27
N ASN A 1010 -49.11 -26.86 12.71
CA ASN A 1010 -49.01 -27.02 11.27
C ASN A 1010 -50.18 -27.86 10.72
N ASN A 1011 -50.67 -27.52 9.52
CA ASN A 1011 -50.23 -26.41 8.70
C ASN A 1011 -51.09 -25.15 8.91
N HIS A 1012 -52.36 -25.36 9.23
CA HIS A 1012 -53.37 -24.33 9.08
C HIS A 1012 -54.30 -24.33 10.29
N ARG A 1013 -53.78 -24.74 11.45
CA ARG A 1013 -54.63 -25.10 12.57
C ARG A 1013 -54.39 -24.21 13.80
N SER A 1014 -55.48 -23.94 14.49
CA SER A 1014 -55.50 -23.33 15.81
C SER A 1014 -56.29 -24.23 16.74
N VAL A 1015 -55.76 -24.51 17.96
CA VAL A 1015 -56.38 -25.47 18.89
C VAL A 1015 -56.51 -24.83 20.28
N LEU A 1016 -57.58 -25.22 21.00
CA LEU A 1016 -57.78 -24.84 22.38
C LEU A 1016 -57.09 -25.87 23.27
N VAL A 1017 -56.30 -25.40 24.25
CA VAL A 1017 -55.70 -26.27 25.24
C VAL A 1017 -56.29 -25.98 26.62
N ILE A 1018 -56.86 -27.02 27.24
CA ILE A 1018 -57.33 -26.97 28.61
C ILE A 1018 -56.39 -27.81 29.48
N PRO A 1019 -55.55 -27.18 30.32
CA PRO A 1019 -54.57 -27.89 31.14
C PRO A 1019 -54.93 -28.05 32.60
N GLU A 1020 -56.14 -27.62 32.97
CA GLU A 1020 -56.63 -27.64 34.32
C GLU A 1020 -58.08 -28.13 34.27
N TRP A 1021 -58.44 -29.03 35.18
CA TRP A 1021 -59.79 -29.58 35.21
C TRP A 1021 -60.83 -28.57 35.72
N GLU A 1022 -60.38 -27.51 36.39
CA GLU A 1022 -61.27 -26.49 36.95
C GLU A 1022 -61.58 -25.40 35.92
N ALA A 1023 -60.95 -25.49 34.73
CA ALA A 1023 -61.22 -24.53 33.67
C ALA A 1023 -62.40 -24.99 32.83
N GLU A 1024 -63.18 -24.03 32.32
CA GLU A 1024 -64.33 -24.35 31.49
C GLU A 1024 -64.50 -23.27 30.43
N VAL A 1025 -64.95 -23.69 29.27
CA VAL A 1025 -65.13 -22.81 28.14
C VAL A 1025 -66.55 -23.05 27.62
N SER A 1026 -67.36 -21.98 27.51
CA SER A 1026 -68.73 -22.17 27.15
C SER A 1026 -69.20 -21.08 26.19
N GLN A 1027 -70.27 -21.41 25.46
CA GLN A 1027 -70.92 -20.44 24.59
C GLN A 1027 -72.41 -20.71 24.56
N GLU A 1028 -73.20 -19.63 24.56
CA GLU A 1028 -74.64 -19.70 24.38
C GLU A 1028 -74.93 -19.49 22.91
N VAL A 1029 -75.73 -20.39 22.32
CA VAL A 1029 -75.97 -20.44 20.88
C VAL A 1029 -77.48 -20.39 20.63
N ARG A 1030 -77.90 -19.49 19.74
CA ARG A 1030 -79.27 -19.44 19.26
C ARG A 1030 -79.50 -20.52 18.20
N VAL A 1031 -80.61 -21.26 18.36
CA VAL A 1031 -80.95 -22.37 17.47
C VAL A 1031 -82.43 -22.29 17.11
N CYS A 1032 -82.80 -23.09 16.10
CA CYS A 1032 -84.17 -23.18 15.61
C CYS A 1032 -84.90 -24.31 16.31
N PRO A 1033 -85.91 -24.01 17.17
CA PRO A 1033 -86.65 -25.04 17.88
C PRO A 1033 -87.30 -26.01 16.90
N GLY A 1034 -87.16 -27.32 17.15
CA GLY A 1034 -87.87 -28.32 16.36
C GLY A 1034 -87.06 -28.81 15.15
N ARG A 1035 -85.88 -28.20 14.94
CA ARG A 1035 -85.01 -28.61 13.87
C ARG A 1035 -83.98 -29.59 14.41
N GLY A 1036 -83.32 -30.30 13.50
CA GLY A 1036 -82.25 -31.21 13.87
C GLY A 1036 -80.89 -30.61 13.57
N TYR A 1037 -79.94 -30.93 14.44
CA TYR A 1037 -78.57 -30.43 14.40
C TYR A 1037 -77.59 -31.59 14.61
N ILE A 1038 -76.42 -31.50 13.96
CA ILE A 1038 -75.29 -32.35 14.28
C ILE A 1038 -74.34 -31.55 15.15
N LEU A 1039 -73.93 -32.14 16.29
CA LEU A 1039 -72.81 -31.65 17.06
C LEU A 1039 -71.58 -32.54 16.79
N ARG A 1040 -70.44 -31.93 16.45
CA ARG A 1040 -69.25 -32.70 16.12
C ARG A 1040 -68.05 -32.02 16.77
N VAL A 1041 -67.18 -32.84 17.38
CA VAL A 1041 -66.00 -32.36 18.08
C VAL A 1041 -64.77 -33.12 17.58
N THR A 1042 -63.69 -32.38 17.27
CA THR A 1042 -62.41 -32.95 16.91
C THR A 1042 -61.42 -32.57 18.03
N ALA A 1043 -60.86 -33.57 18.71
CA ALA A 1043 -60.15 -33.34 19.97
C ALA A 1043 -59.23 -34.52 20.27
N TYR A 1044 -58.30 -34.26 21.20
CA TYR A 1044 -57.44 -35.30 21.73
C TYR A 1044 -57.29 -35.11 23.24
N LYS A 1045 -57.41 -36.22 23.98
CA LYS A 1045 -57.16 -36.26 25.42
C LYS A 1045 -55.75 -36.76 25.69
N GLU A 1046 -54.94 -35.93 26.37
CA GLU A 1046 -53.61 -36.31 26.83
C GLU A 1046 -53.74 -36.70 28.29
N GLY A 1047 -52.99 -37.76 28.63
CA GLY A 1047 -52.93 -38.27 29.98
C GLY A 1047 -54.24 -38.94 30.38
N TYR A 1048 -54.46 -38.98 31.69
CA TYR A 1048 -55.59 -39.68 32.25
C TYR A 1048 -56.84 -38.82 32.16
N GLY A 1049 -57.95 -39.43 32.56
CA GLY A 1049 -59.23 -38.76 32.66
C GLY A 1049 -59.95 -38.67 31.31
N GLU A 1050 -61.03 -37.91 31.34
CA GLU A 1050 -61.86 -37.71 30.18
C GLU A 1050 -61.96 -36.23 29.87
N GLY A 1051 -62.02 -35.93 28.56
CA GLY A 1051 -62.48 -34.64 28.06
C GLY A 1051 -63.93 -34.73 27.66
N CYS A 1052 -64.66 -33.62 27.86
CA CYS A 1052 -66.10 -33.63 27.74
C CYS A 1052 -66.59 -32.35 27.06
N VAL A 1053 -67.47 -32.55 26.07
CA VAL A 1053 -68.25 -31.46 25.48
C VAL A 1053 -69.74 -31.78 25.72
N THR A 1054 -70.39 -30.83 26.41
CA THR A 1054 -71.76 -30.96 26.86
C THR A 1054 -72.58 -29.94 26.08
N ILE A 1055 -73.77 -30.40 25.67
CA ILE A 1055 -74.77 -29.53 25.10
C ILE A 1055 -76.06 -29.71 25.88
N HIS A 1056 -76.68 -28.57 26.22
CA HIS A 1056 -77.91 -28.63 26.99
C HIS A 1056 -78.77 -27.38 26.77
N GLU A 1057 -80.04 -27.49 27.16
CA GLU A 1057 -80.97 -26.39 27.14
C GLU A 1057 -81.13 -25.85 28.56
N ILE A 1058 -82.01 -24.84 28.72
CA ILE A 1058 -82.18 -24.17 29.99
C ILE A 1058 -82.61 -25.24 30.99
N GLU A 1059 -83.41 -26.21 30.51
CA GLU A 1059 -83.89 -27.29 31.32
C GLU A 1059 -83.66 -28.59 30.56
N ASP A 1060 -82.83 -29.44 31.17
CA ASP A 1060 -82.39 -30.71 30.61
C ASP A 1060 -81.97 -30.64 29.14
N ASN A 1061 -82.51 -31.63 28.41
CA ASN A 1061 -82.05 -32.10 27.12
C ASN A 1061 -80.53 -32.07 27.03
N THR A 1062 -79.85 -32.73 28.00
CA THR A 1062 -78.40 -32.79 28.05
C THR A 1062 -77.89 -33.96 27.19
N ASP A 1063 -76.83 -33.70 26.42
CA ASP A 1063 -76.12 -34.77 25.75
C ASP A 1063 -74.64 -34.39 25.80
N GLU A 1064 -73.78 -35.33 25.44
CA GLU A 1064 -72.36 -35.08 25.60
C GLU A 1064 -71.54 -36.02 24.73
N LEU A 1065 -70.33 -35.54 24.44
CA LEU A 1065 -69.29 -36.31 23.77
C LEU A 1065 -68.09 -36.35 24.70
N LYS A 1066 -67.57 -37.56 24.95
CA LYS A 1066 -66.42 -37.74 25.81
C LYS A 1066 -65.23 -38.30 25.04
N PHE A 1067 -64.03 -37.96 25.53
CA PHE A 1067 -62.75 -38.30 24.93
C PHE A 1067 -61.81 -38.84 25.99
N SER A 1068 -61.26 -40.03 25.72
CA SER A 1068 -60.25 -40.67 26.55
C SER A 1068 -58.98 -40.88 25.74
N ASN A 1069 -57.83 -40.92 26.43
CA ASN A 1069 -56.56 -41.18 25.75
C ASN A 1069 -56.45 -42.66 25.40
N CYS A 1070 -57.23 -43.50 26.06
CA CYS A 1070 -57.18 -44.95 25.91
C CYS A 1070 -58.09 -45.39 24.75
N VAL A 1071 -57.52 -46.07 23.74
CA VAL A 1071 -58.27 -46.76 22.70
C VAL A 1071 -57.86 -48.25 22.69
N TYR A 1145 -44.81 -25.08 25.48
CA TYR A 1145 -45.69 -25.14 26.69
C TYR A 1145 -46.43 -26.49 26.68
N THR A 1146 -46.95 -26.89 25.51
CA THR A 1146 -47.37 -28.27 25.26
C THR A 1146 -46.92 -28.69 23.86
N PRO A 1147 -46.17 -29.82 23.65
CA PRO A 1147 -46.08 -30.48 22.34
C PRO A 1147 -47.40 -31.12 21.88
N LEU A 1148 -47.87 -30.75 20.68
CA LEU A 1148 -49.25 -31.01 20.30
C LEU A 1148 -49.39 -32.39 19.66
N PRO A 1149 -50.58 -33.04 19.71
CA PRO A 1149 -50.74 -34.37 19.11
C PRO A 1149 -50.70 -34.40 17.58
N ALA A 1150 -50.26 -35.53 17.03
CA ALA A 1150 -50.17 -35.74 15.60
C ALA A 1150 -51.52 -36.12 14.99
N GLY A 1151 -52.44 -36.55 15.85
CA GLY A 1151 -53.74 -37.02 15.40
C GLY A 1151 -54.81 -36.71 16.42
N TYR A 1152 -56.05 -36.53 15.92
CA TYR A 1152 -57.20 -36.20 16.72
C TYR A 1152 -58.29 -37.21 16.46
N VAL A 1153 -59.19 -37.30 17.42
CA VAL A 1153 -60.41 -38.06 17.29
C VAL A 1153 -61.57 -37.13 17.02
N THR A 1154 -62.49 -37.60 16.15
CA THR A 1154 -63.73 -36.91 15.86
C THR A 1154 -64.93 -37.81 16.22
N LYS A 1155 -65.87 -37.19 16.92
CA LYS A 1155 -67.11 -37.79 17.37
C LYS A 1155 -68.25 -36.83 17.08
N ASP A 1156 -69.45 -37.42 16.95
CA ASP A 1156 -70.63 -36.60 16.77
C ASP A 1156 -71.88 -37.27 17.33
N LEU A 1157 -72.90 -36.42 17.40
CA LEU A 1157 -74.24 -36.83 17.78
C LEU A 1157 -75.26 -35.94 17.09
N GLU A 1158 -76.53 -36.39 17.10
CA GLU A 1158 -77.60 -35.55 16.58
C GLU A 1158 -78.34 -34.97 17.77
N TYR A 1159 -78.75 -33.70 17.66
CA TYR A 1159 -79.38 -32.99 18.76
C TYR A 1159 -80.63 -32.26 18.27
N PHE A 1160 -81.67 -32.26 19.11
CA PHE A 1160 -82.99 -31.80 18.73
C PHE A 1160 -83.49 -30.84 19.81
N PRO A 1161 -83.22 -29.53 19.67
CA PRO A 1161 -83.66 -28.57 20.68
C PRO A 1161 -85.16 -28.31 20.63
N GLU A 1162 -85.73 -28.08 21.82
CA GLU A 1162 -87.14 -27.73 21.95
C GLU A 1162 -87.30 -26.22 22.09
N THR A 1163 -86.30 -25.54 22.68
CA THR A 1163 -86.28 -24.09 22.81
C THR A 1163 -85.24 -23.53 21.83
N ASP A 1164 -85.05 -22.20 21.85
CA ASP A 1164 -84.23 -21.51 20.86
C ASP A 1164 -82.82 -21.18 21.37
N LYS A 1165 -82.42 -21.79 22.49
CA LYS A 1165 -81.07 -21.55 23.01
C LYS A 1165 -80.50 -22.85 23.56
N VAL A 1166 -79.21 -23.06 23.24
CA VAL A 1166 -78.43 -24.11 23.86
C VAL A 1166 -77.13 -23.52 24.41
N TRP A 1167 -76.55 -24.26 25.37
CA TRP A 1167 -75.20 -24.02 25.87
C TRP A 1167 -74.30 -25.18 25.44
N ILE A 1168 -73.10 -24.82 24.98
CA ILE A 1168 -72.00 -25.73 24.71
C ILE A 1168 -70.88 -25.49 25.73
N GLU A 1169 -70.47 -26.53 26.44
CA GLU A 1169 -69.56 -26.41 27.57
C GLU A 1169 -68.41 -27.39 27.34
N ILE A 1170 -67.16 -26.90 27.38
CA ILE A 1170 -65.99 -27.72 27.18
C ILE A 1170 -65.23 -27.78 28.50
N GLY A 1171 -64.85 -29.01 28.88
CA GLY A 1171 -64.07 -29.25 30.09
C GLY A 1171 -63.48 -30.65 30.13
N GLU A 1172 -62.90 -31.00 31.28
CA GLU A 1172 -62.27 -32.29 31.47
C GLU A 1172 -62.24 -32.64 32.97
N THR A 1173 -61.84 -33.89 33.30
CA THR A 1173 -61.81 -34.36 34.67
C THR A 1173 -60.40 -34.25 35.28
N GLU A 1174 -59.36 -34.34 34.42
CA GLU A 1174 -57.96 -34.21 34.83
C GLU A 1174 -57.08 -34.20 33.57
N GLY A 1175 -55.80 -33.87 33.74
CA GLY A 1175 -54.86 -33.98 32.64
C GLY A 1175 -55.00 -32.78 31.71
N THR A 1176 -54.76 -33.03 30.41
CA THR A 1176 -54.83 -31.98 29.40
C THR A 1176 -55.79 -32.41 28.30
N PHE A 1177 -56.57 -31.47 27.78
CA PHE A 1177 -57.53 -31.74 26.72
C PHE A 1177 -57.30 -30.73 25.59
N ILE A 1178 -57.17 -31.21 24.34
CA ILE A 1178 -56.83 -30.32 23.20
C ILE A 1178 -57.99 -30.40 22.20
N VAL A 1179 -58.60 -29.25 21.90
CA VAL A 1179 -59.79 -29.25 21.08
C VAL A 1179 -59.50 -28.44 19.83
N ASP A 1180 -59.55 -29.10 18.66
CA ASP A 1180 -59.34 -28.44 17.38
C ASP A 1180 -60.60 -27.62 17.05
N SER A 1181 -61.75 -28.27 17.12
CA SER A 1181 -62.97 -27.52 16.83
C SER A 1181 -64.21 -28.18 17.40
N VAL A 1182 -65.22 -27.32 17.56
CA VAL A 1182 -66.57 -27.74 17.83
C VAL A 1182 -67.48 -27.13 16.77
N GLU A 1183 -68.25 -27.99 16.08
CA GLU A 1183 -69.23 -27.51 15.13
C GLU A 1183 -70.64 -28.00 15.46
N LEU A 1184 -71.58 -27.07 15.22
CA LEU A 1184 -73.00 -27.36 15.34
C LEU A 1184 -73.61 -26.98 13.99
N LEU A 1185 -74.13 -27.99 13.27
CA LEU A 1185 -74.66 -27.82 11.93
C LEU A 1185 -76.14 -28.09 11.92
N LEU A 1186 -76.89 -27.23 11.19
CA LEU A 1186 -78.29 -27.50 10.86
C LEU A 1186 -78.37 -28.60 9.81
N MET A 1187 -79.21 -29.61 10.11
CA MET A 1187 -79.60 -30.60 9.12
C MET A 1187 -80.65 -29.95 8.22
N GLU A 1188 -80.25 -29.65 6.98
CA GLU A 1188 -81.09 -28.93 6.03
C GLU A 1188 -82.18 -29.86 5.48
N GLU A 1189 -82.02 -31.19 5.65
CA GLU A 1189 -83.09 -32.18 5.41
C GLU A 1189 -83.68 -32.67 6.77
#